data_4GH4
#
_entry.id   4GH4
#
_cell.length_a   328.200
_cell.length_b   341.800
_cell.length_c   363.750
_cell.angle_alpha   90.000
_cell.angle_beta   90.000
_cell.angle_gamma   90.000
#
_symmetry.space_group_name_H-M   'I 2 2 2'
#
loop_
_entity.id
_entity.type
_entity.pdbx_description
1 polymer 'capsid protein VP1'
2 polymer 'capsid protein VP2'
3 polymer 'capsid protein VP3'
4 polymer 'capsid protein VP4'
5 water water
#
loop_
_entity_poly.entity_id
_entity_poly.type
_entity_poly.pdbx_seq_one_letter_code
_entity_poly.pdbx_strand_id
1 'polypeptide(L)'
;TTTTGESADPVTTTVENYGGETQVQRRQHTDVTFIMDRFVKIQNLNPTHVIDLMQTHQHGLVGALLRAATYYFSDLEIVV
RHDGNLTWVPNGAPEAALSNTGNPTAYLKAPFTRLALPYTAPHRVLATVYNGTSKYSAGGTGRRGDLGPLAARVAAQLPA
SFNFGAIQATTIHELLVRMKRAELYCPRPLLAVEVSSQDRHKQKIIAPAK
;
A
2 'polypeptide(L)'
;DRLLTTRNGHTTSTTQSSVGVTYGYSTQEDHVSGPNTSGLETRVVQAERFFKKHLFDWTPDKAFGHLEKLELPTDHKGVY
GHLVDSFAYMRNGWDVEVSAVGNQFNGGCLLVAMVPEWKEFTPREKYQLTLFPHQFISPRTNMTAHIVVPYLGVNRYDQY
KKHKPWTLVVMVVSPLTTNTVSAGQIKVYANIAPTHVHVAGELPSKE
;
B
3 'polypeptide(L)'
;GIVPVACSDGYGGLVTTDPKTADPVYGMVYNPPRTNYPGRFTNLLDVAEACPTFLCFDEGKPYVVTRTDEQRLLAKFDVS
LAAKHMSNTYLSGIAQYYAQYSGTINLHFMFTGSTDSKARYMVAYVPPGVETPPDTPEKAAHCIHAEWDTGLNSKFTFSI
PYVSAADYAYTASDVAETTNVQGWVCIYQITHGKAEQDTLVVSVSAGKDFELRLPIDPRSQ
;
C
4 'polypeptide(L)' SGNTGSIINNYYMQQYQNSMDTQLNDWFSKLASSAFSGLFGALLA D
#
# COMPACT_ATOMS: atom_id res chain seq x y z
N THR A 1 5.41 -41.49 0.75
CA THR A 1 5.13 -40.99 2.08
C THR A 1 3.63 -40.96 2.35
N THR A 2 3.26 -41.21 3.60
CA THR A 2 1.86 -41.15 4.03
C THR A 2 1.78 -40.05 5.10
N THR A 3 0.80 -39.18 4.96
CA THR A 3 0.70 -38.01 5.82
C THR A 3 -0.76 -37.67 6.02
N THR A 4 -1.04 -36.82 7.01
CA THR A 4 -2.39 -36.35 7.20
C THR A 4 -2.55 -35.16 6.26
N GLY A 5 -3.21 -35.41 5.13
CA GLY A 5 -3.48 -34.41 4.12
C GLY A 5 -4.18 -33.13 4.54
N GLU A 6 -5.14 -33.22 5.46
CA GLU A 6 -5.93 -32.07 5.90
C GLU A 6 -5.18 -30.88 6.49
N SER A 7 -4.09 -31.16 7.20
CA SER A 7 -3.27 -30.13 7.84
C SER A 7 -2.72 -29.19 6.80
N ALA A 8 -2.37 -29.75 5.63
CA ALA A 8 -1.88 -28.96 4.51
C ALA A 8 -0.39 -28.66 4.62
N ASP A 9 0.26 -29.30 5.57
CA ASP A 9 1.70 -29.15 5.69
C ASP A 9 2.31 -29.70 4.41
N PRO A 10 3.30 -28.98 3.89
CA PRO A 10 4.00 -29.41 2.66
C PRO A 10 4.66 -30.79 2.78
N VAL A 11 4.53 -31.59 1.73
CA VAL A 11 5.13 -32.93 1.70
C VAL A 11 5.88 -33.09 0.38
N THR A 12 7.20 -33.23 0.46
CA THR A 12 7.99 -33.43 -0.75
C THR A 12 8.70 -34.78 -0.66
N THR A 13 8.05 -35.79 -1.24
CA THR A 13 8.57 -37.15 -1.28
C THR A 13 9.66 -37.19 -2.39
N THR A 14 10.48 -38.24 -2.34
CA THR A 14 11.62 -38.39 -3.23
C THR A 14 11.70 -39.75 -3.92
N VAL A 15 12.47 -39.80 -5.00
CA VAL A 15 12.69 -41.00 -5.80
C VAL A 15 13.38 -42.09 -4.98
N GLU A 16 14.06 -41.67 -3.92
CA GLU A 16 14.83 -42.57 -3.08
C GLU A 16 13.91 -43.62 -2.48
N ASN A 17 12.68 -43.21 -2.17
CA ASN A 17 11.73 -44.09 -1.50
C ASN A 17 11.64 -45.45 -2.17
N TYR A 18 11.66 -45.48 -3.51
CA TYR A 18 11.67 -46.75 -4.22
C TYR A 18 12.99 -47.08 -4.91
N GLY A 19 14.09 -46.65 -4.29
CA GLY A 19 15.42 -46.96 -4.82
C GLY A 19 16.09 -46.02 -5.80
N GLY A 20 15.47 -44.87 -6.06
CA GLY A 20 16.06 -43.94 -7.00
C GLY A 20 17.03 -43.02 -6.29
N GLU A 21 17.53 -42.04 -7.03
CA GLU A 21 18.48 -41.08 -6.46
C GLU A 21 18.18 -39.66 -6.95
N THR A 22 18.01 -38.72 -6.03
CA THR A 22 17.75 -37.34 -6.38
C THR A 22 18.91 -36.71 -7.17
N GLN A 23 18.58 -35.84 -8.12
CA GLN A 23 19.56 -35.24 -9.03
C GLN A 23 19.69 -33.72 -8.89
N VAL A 24 20.93 -33.24 -8.96
CA VAL A 24 21.24 -31.85 -8.64
C VAL A 24 20.48 -30.91 -9.54
N GLN A 25 19.97 -29.83 -8.92
CA GLN A 25 19.11 -28.89 -9.61
C GLN A 25 19.70 -27.48 -9.63
N ARG A 26 19.66 -26.84 -10.80
CA ARG A 26 20.01 -25.45 -10.90
C ARG A 26 18.76 -24.66 -11.24
N ARG A 27 18.37 -23.74 -10.37
CA ARG A 27 17.17 -22.96 -10.61
C ARG A 27 17.28 -21.45 -10.87
N GLN A 28 18.37 -21.02 -11.50
CA GLN A 28 18.59 -19.60 -11.73
C GLN A 28 17.48 -18.99 -12.57
N HIS A 29 16.99 -19.74 -13.54
CA HIS A 29 15.99 -19.25 -14.47
C HIS A 29 14.67 -18.89 -13.84
N THR A 30 14.31 -19.61 -12.79
CA THR A 30 13.04 -19.43 -12.13
C THR A 30 13.12 -18.36 -11.05
N ASP A 31 14.31 -17.77 -10.92
CA ASP A 31 14.55 -16.78 -9.90
C ASP A 31 13.72 -15.55 -10.27
N VAL A 32 12.97 -15.03 -9.32
CA VAL A 32 12.08 -13.89 -9.54
C VAL A 32 12.72 -12.64 -10.13
N THR A 33 13.81 -12.18 -9.54
CA THR A 33 14.44 -10.96 -10.04
C THR A 33 14.95 -11.15 -11.46
N PHE A 34 15.54 -12.30 -11.69
CA PHE A 34 16.07 -12.60 -13.00
C PHE A 34 15.00 -12.69 -14.07
N ILE A 35 13.96 -13.46 -13.79
CA ILE A 35 12.93 -13.71 -14.78
C ILE A 35 12.10 -12.47 -15.13
N MET A 36 12.00 -11.53 -14.21
CA MET A 36 11.25 -10.31 -14.45
C MET A 36 12.10 -9.26 -15.14
N ASP A 37 13.40 -9.50 -15.16
CA ASP A 37 14.36 -8.53 -15.68
C ASP A 37 14.52 -8.61 -17.19
N ARG A 38 13.52 -8.12 -17.92
CA ARG A 38 13.59 -8.10 -19.37
C ARG A 38 12.51 -7.18 -19.93
N PHE A 39 12.74 -6.66 -21.13
CA PHE A 39 11.81 -5.72 -21.75
C PHE A 39 10.57 -6.41 -22.31
N VAL A 40 9.41 -5.81 -22.04
CA VAL A 40 8.13 -6.29 -22.50
C VAL A 40 7.29 -5.11 -23.02
N LYS A 41 6.46 -5.38 -24.02
CA LYS A 41 5.64 -4.35 -24.67
C LYS A 41 4.42 -3.86 -23.87
N ILE A 42 3.98 -2.63 -24.14
CA ILE A 42 2.73 -2.09 -23.60
C ILE A 42 1.97 -1.74 -24.89
N GLN A 43 0.74 -2.20 -25.00
CA GLN A 43 -0.05 -2.02 -26.22
C GLN A 43 -0.90 -0.76 -26.41
N ASN A 44 -1.69 -0.38 -25.42
CA ASN A 44 -2.53 0.78 -25.62
C ASN A 44 -1.83 2.06 -25.28
N LEU A 45 -1.31 2.73 -26.31
CA LEU A 45 -0.58 3.97 -26.11
C LEU A 45 -1.31 5.21 -26.59
N ASN A 46 -0.95 6.35 -26.00
CA ASN A 46 -1.48 7.67 -26.36
C ASN A 46 -0.35 8.62 -26.10
N PRO A 47 -0.34 9.76 -26.80
CA PRO A 47 0.72 10.75 -26.62
C PRO A 47 0.97 11.11 -25.15
N THR A 48 -0.07 11.03 -24.32
CA THR A 48 0.09 11.24 -22.88
C THR A 48 -0.25 9.87 -22.29
N HIS A 49 0.72 9.27 -21.60
CA HIS A 49 0.56 7.92 -21.08
C HIS A 49 1.05 7.71 -19.65
N VAL A 50 0.19 7.16 -18.78
CA VAL A 50 0.58 6.88 -17.41
C VAL A 50 1.09 5.44 -17.30
N ILE A 51 2.34 5.30 -16.85
CA ILE A 51 2.99 3.99 -16.71
C ILE A 51 2.36 3.12 -15.64
N ASP A 52 1.72 2.07 -16.09
CA ASP A 52 0.98 1.14 -15.23
C ASP A 52 1.30 -0.28 -15.67
N LEU A 53 2.16 -0.93 -14.90
CA LEU A 53 2.57 -2.29 -15.20
C LEU A 53 1.40 -3.26 -15.46
N MET A 54 0.19 -2.87 -15.05
CA MET A 54 -0.96 -3.74 -15.29
C MET A 54 -1.41 -3.65 -16.74
N GLN A 55 -0.79 -2.74 -17.47
CA GLN A 55 -0.97 -2.60 -18.91
C GLN A 55 -0.28 -3.71 -19.70
N THR A 56 0.58 -4.46 -19.03
CA THR A 56 1.27 -5.59 -19.65
C THR A 56 0.26 -6.68 -19.98
N HIS A 57 0.52 -7.43 -21.05
CA HIS A 57 -0.40 -8.46 -21.47
C HIS A 57 -0.56 -9.51 -20.42
N GLN A 58 -1.80 -9.94 -20.20
CA GLN A 58 -2.10 -10.93 -19.17
C GLN A 58 -1.50 -12.31 -19.36
N HIS A 59 -1.16 -12.66 -20.58
CA HIS A 59 -0.53 -13.94 -20.86
C HIS A 59 0.91 -13.84 -21.27
N GLY A 60 1.46 -12.64 -21.20
CA GLY A 60 2.85 -12.41 -21.53
C GLY A 60 3.71 -12.97 -20.40
N LEU A 61 4.98 -13.23 -20.70
CA LEU A 61 5.90 -13.76 -19.71
C LEU A 61 5.90 -12.89 -18.47
N VAL A 62 6.17 -11.60 -18.62
CA VAL A 62 6.17 -10.74 -17.45
C VAL A 62 4.73 -10.45 -16.98
N GLY A 63 3.86 -10.13 -17.91
CA GLY A 63 2.48 -9.82 -17.57
C GLY A 63 1.81 -10.86 -16.69
N ALA A 64 1.97 -12.14 -17.05
CA ALA A 64 1.36 -13.24 -16.32
C ALA A 64 2.00 -13.50 -14.96
N LEU A 65 3.33 -13.44 -14.94
CA LEU A 65 4.10 -13.64 -13.72
C LEU A 65 3.82 -12.55 -12.69
N LEU A 66 3.66 -11.32 -13.18
CA LEU A 66 3.36 -10.18 -12.32
C LEU A 66 1.95 -10.41 -11.71
N ARG A 67 1.02 -10.85 -12.54
CA ARG A 67 -0.35 -11.11 -12.09
C ARG A 67 -0.40 -12.24 -11.06
N ALA A 68 0.60 -13.10 -11.09
CA ALA A 68 0.60 -14.31 -10.26
C ALA A 68 1.13 -13.98 -8.87
N ALA A 69 1.15 -12.69 -8.57
CA ALA A 69 1.58 -12.17 -7.27
C ALA A 69 0.53 -11.13 -6.82
N THR A 70 0.35 -10.95 -5.52
CA THR A 70 -0.60 -9.95 -5.04
C THR A 70 0.10 -8.59 -4.90
N TYR A 71 1.28 -8.59 -4.29
CA TYR A 71 2.04 -7.37 -4.04
C TYR A 71 3.43 -7.41 -4.69
N TYR A 72 3.91 -6.27 -5.11
CA TYR A 72 5.20 -6.21 -5.78
C TYR A 72 5.89 -4.87 -5.58
N PHE A 73 7.18 -4.87 -5.87
CA PHE A 73 7.98 -3.66 -5.80
C PHE A 73 9.07 -3.77 -6.83
N SER A 74 9.43 -2.64 -7.43
CA SER A 74 10.52 -2.64 -8.38
C SER A 74 10.81 -1.27 -8.92
N ASP A 75 12.02 -1.13 -9.45
CA ASP A 75 12.45 0.09 -10.11
C ASP A 75 12.11 -0.19 -11.58
N LEU A 76 12.49 0.71 -12.48
CA LEU A 76 12.10 0.50 -13.86
C LEU A 76 13.03 1.08 -14.92
N GLU A 77 12.92 0.51 -16.11
CA GLU A 77 13.65 0.99 -17.28
C GLU A 77 12.58 1.01 -18.35
N ILE A 78 12.58 2.05 -19.18
CA ILE A 78 11.62 2.12 -20.28
C ILE A 78 12.33 2.46 -21.59
N VAL A 79 11.74 2.02 -22.69
CA VAL A 79 12.28 2.33 -24.02
C VAL A 79 11.10 2.94 -24.75
N VAL A 80 11.27 4.17 -25.24
CA VAL A 80 10.18 4.84 -25.92
C VAL A 80 10.56 5.34 -27.30
N ARG A 81 9.73 4.99 -28.27
CA ARG A 81 9.89 5.49 -29.61
C ARG A 81 8.85 6.58 -29.71
N HIS A 82 9.33 7.81 -29.84
CA HIS A 82 8.49 9.00 -29.83
C HIS A 82 8.86 10.05 -30.86
N ASP A 83 7.90 10.90 -31.19
CA ASP A 83 8.11 12.03 -32.08
C ASP A 83 8.07 13.26 -31.21
N GLY A 84 9.05 14.14 -31.35
CA GLY A 84 9.13 15.27 -30.46
C GLY A 84 9.88 14.83 -29.23
N ASN A 85 9.95 15.70 -28.23
CA ASN A 85 10.65 15.37 -27.01
C ASN A 85 9.74 14.67 -26.02
N LEU A 86 10.37 13.84 -25.20
CA LEU A 86 9.67 13.05 -24.21
C LEU A 86 9.88 13.63 -22.83
N THR A 87 8.78 13.80 -22.09
CA THR A 87 8.83 14.33 -20.74
C THR A 87 8.19 13.28 -19.82
N TRP A 88 8.81 13.09 -18.66
CA TRP A 88 8.31 12.15 -17.67
C TRP A 88 8.09 12.91 -16.37
N VAL A 89 7.03 12.57 -15.66
CA VAL A 89 6.79 13.21 -14.37
C VAL A 89 6.52 12.08 -13.40
N PRO A 90 6.89 12.29 -12.13
CA PRO A 90 6.69 11.27 -11.10
C PRO A 90 5.25 11.08 -10.63
N ASN A 91 5.04 9.96 -9.95
CA ASN A 91 3.76 9.60 -9.37
C ASN A 91 3.22 10.78 -8.52
N GLY A 92 2.01 11.22 -8.81
CA GLY A 92 1.44 12.29 -8.01
C GLY A 92 1.48 13.67 -8.63
N ALA A 93 2.18 13.79 -9.74
CA ALA A 93 2.29 15.06 -10.43
C ALA A 93 1.04 15.41 -11.24
N PRO A 94 0.73 16.70 -11.35
CA PRO A 94 -0.42 17.16 -12.10
C PRO A 94 -0.14 16.87 -13.59
N GLU A 95 -1.15 16.41 -14.31
CA GLU A 95 -0.98 16.11 -15.73
C GLU A 95 -0.38 17.32 -16.49
N ALA A 96 -0.73 18.51 -16.02
CA ALA A 96 -0.27 19.78 -16.58
C ALA A 96 1.24 19.95 -16.62
N ALA A 97 1.93 19.23 -15.76
CA ALA A 97 3.37 19.34 -15.68
C ALA A 97 4.10 18.73 -16.89
N LEU A 98 3.48 17.76 -17.58
CA LEU A 98 4.10 17.10 -18.73
C LEU A 98 4.43 18.08 -19.84
N SER A 99 3.90 19.29 -19.71
CA SER A 99 4.13 20.32 -20.69
C SER A 99 5.40 21.09 -20.46
N ASN A 100 6.06 20.88 -19.33
CA ASN A 100 7.26 21.65 -19.03
C ASN A 100 8.60 20.94 -18.97
N THR A 101 9.55 21.57 -19.64
CA THR A 101 10.94 21.12 -19.74
C THR A 101 11.68 20.95 -18.41
N GLY A 102 11.21 21.63 -17.37
CA GLY A 102 11.86 21.51 -16.07
C GLY A 102 11.85 20.09 -15.52
N ASN A 103 10.88 19.28 -15.94
CA ASN A 103 10.78 17.88 -15.54
C ASN A 103 11.70 17.07 -16.45
N PRO A 104 12.15 15.88 -16.00
CA PRO A 104 13.03 15.12 -16.89
C PRO A 104 12.45 15.06 -18.31
N THR A 105 13.15 15.70 -19.23
CA THR A 105 12.78 15.75 -20.64
C THR A 105 13.95 15.27 -21.49
N ALA A 106 13.66 14.33 -22.37
CA ALA A 106 14.67 13.76 -23.24
C ALA A 106 14.44 14.24 -24.66
N TYR A 107 15.47 14.90 -25.20
CA TYR A 107 15.41 15.40 -26.56
C TYR A 107 15.61 14.23 -27.52
N LEU A 108 14.76 14.17 -28.53
CA LEU A 108 14.79 13.13 -29.53
C LEU A 108 16.18 12.76 -30.06
N LYS A 109 16.44 11.46 -30.13
CA LYS A 109 17.69 10.93 -30.68
C LYS A 109 17.35 9.54 -31.14
N ALA A 110 17.44 9.33 -32.46
CA ALA A 110 17.12 8.05 -33.04
C ALA A 110 17.98 6.93 -32.49
N PRO A 111 17.42 5.72 -32.45
CA PRO A 111 16.07 5.38 -32.89
C PRO A 111 14.97 5.52 -31.83
N PHE A 112 15.38 5.71 -30.58
CA PHE A 112 14.47 5.82 -29.45
C PHE A 112 15.20 6.21 -28.18
N THR A 113 14.45 6.31 -27.09
CA THR A 113 14.99 6.73 -25.80
C THR A 113 14.89 5.63 -24.73
N ARG A 114 16.01 5.32 -24.09
CA ARG A 114 16.01 4.29 -23.04
C ARG A 114 16.35 4.98 -21.73
N LEU A 115 15.48 4.84 -20.73
CA LEU A 115 15.70 5.49 -19.44
C LEU A 115 15.57 4.59 -18.23
N ALA A 116 16.24 5.00 -17.16
CA ALA A 116 16.18 4.31 -15.89
C ALA A 116 15.35 5.20 -14.95
N LEU A 117 14.23 4.67 -14.46
CA LEU A 117 13.35 5.42 -13.57
C LEU A 117 13.20 4.78 -12.19
N PRO A 118 13.06 5.61 -11.13
CA PRO A 118 12.90 5.01 -9.79
C PRO A 118 11.44 4.77 -9.44
N TYR A 119 11.22 3.85 -8.53
CA TYR A 119 9.90 3.58 -8.03
C TYR A 119 9.48 4.92 -7.36
N THR A 120 8.32 5.47 -7.70
CA THR A 120 7.94 6.74 -7.07
C THR A 120 6.60 6.74 -6.35
N ALA A 121 5.96 5.59 -6.17
CA ALA A 121 4.66 5.59 -5.49
C ALA A 121 4.80 5.93 -4.01
N PRO A 122 3.71 6.40 -3.39
CA PRO A 122 3.73 6.76 -1.96
C PRO A 122 3.50 5.56 -1.04
N HIS A 123 3.28 4.38 -1.62
CA HIS A 123 3.04 3.14 -0.86
C HIS A 123 4.33 2.33 -0.75
N ARG A 124 4.46 1.53 0.31
CA ARG A 124 5.65 0.68 0.51
C ARG A 124 5.81 -0.38 -0.58
N VAL A 125 4.68 -0.82 -1.13
CA VAL A 125 4.62 -1.81 -2.22
C VAL A 125 3.35 -1.52 -3.02
N LEU A 126 3.22 -2.13 -4.19
CA LEU A 126 2.01 -1.94 -4.99
C LEU A 126 1.27 -3.28 -5.10
N ALA A 127 0.08 -3.27 -5.69
CA ALA A 127 -0.73 -4.47 -5.82
C ALA A 127 -1.27 -4.64 -7.22
N THR A 128 -1.59 -5.89 -7.56
CA THR A 128 -2.13 -6.22 -8.87
C THR A 128 -3.64 -6.40 -8.74
N VAL A 129 -4.09 -6.42 -7.49
CA VAL A 129 -5.50 -6.57 -7.13
C VAL A 129 -5.70 -5.75 -5.84
N TYR A 130 -6.79 -5.01 -5.74
CA TYR A 130 -7.04 -4.20 -4.56
C TYR A 130 -8.54 -4.26 -4.21
N ASN A 131 -8.90 -4.98 -3.16
CA ASN A 131 -10.30 -5.14 -2.76
C ASN A 131 -10.87 -3.94 -1.98
N GLY A 132 -11.23 -2.87 -2.71
CA GLY A 132 -11.77 -1.67 -2.09
C GLY A 132 -11.53 -0.39 -2.91
N THR A 133 -11.84 0.77 -2.32
CA THR A 133 -11.67 2.06 -2.99
C THR A 133 -10.58 2.98 -2.44
N SER A 134 -10.16 3.91 -3.28
CA SER A 134 -9.21 4.95 -2.87
C SER A 134 -9.85 6.33 -2.94
N LYS A 135 -11.15 6.36 -3.19
CA LYS A 135 -11.87 7.60 -3.44
C LYS A 135 -12.97 7.81 -2.41
N TYR A 136 -13.22 9.07 -2.06
CA TYR A 136 -14.19 9.37 -1.00
C TYR A 136 -15.58 9.69 -1.56
N ALA A 156 -12.73 -4.74 -10.79
CA ALA A 156 -12.67 -3.28 -10.73
C ALA A 156 -11.27 -2.76 -11.09
N GLN A 157 -11.06 -1.46 -10.89
CA GLN A 157 -9.77 -0.86 -11.21
C GLN A 157 -8.94 -0.78 -9.93
N LEU A 158 -7.68 -0.43 -10.10
CA LEU A 158 -6.78 -0.28 -8.98
C LEU A 158 -6.71 1.21 -8.67
N PRO A 159 -6.28 1.58 -7.46
CA PRO A 159 -6.18 2.99 -7.09
C PRO A 159 -5.25 3.75 -8.06
N ALA A 160 -5.57 5.02 -8.30
CA ALA A 160 -4.78 5.85 -9.21
C ALA A 160 -3.32 5.99 -8.83
N SER A 161 -3.01 5.85 -7.54
CA SER A 161 -1.64 5.98 -7.06
C SER A 161 -0.72 4.81 -7.42
N PHE A 162 -1.29 3.73 -7.98
CA PHE A 162 -0.50 2.58 -8.39
C PHE A 162 0.05 2.84 -9.80
N ASN A 163 1.10 3.65 -9.89
CA ASN A 163 1.69 3.96 -11.18
C ASN A 163 3.18 4.32 -11.02
N PHE A 164 3.87 4.41 -12.14
CA PHE A 164 5.30 4.76 -12.17
C PHE A 164 5.54 6.11 -12.83
N GLY A 165 4.54 6.99 -12.75
CA GLY A 165 4.66 8.30 -13.35
C GLY A 165 4.01 8.31 -14.71
N ALA A 166 4.20 9.39 -15.45
CA ALA A 166 3.60 9.49 -16.76
C ALA A 166 4.59 10.06 -17.74
N ILE A 167 4.39 9.77 -19.02
CA ILE A 167 5.26 10.26 -20.07
C ILE A 167 4.42 10.94 -21.12
N GLN A 168 5.03 11.89 -21.83
CA GLN A 168 4.33 12.61 -22.86
C GLN A 168 5.25 13.08 -23.96
N ALA A 169 4.80 12.88 -25.19
CA ALA A 169 5.51 13.28 -26.39
C ALA A 169 4.43 13.63 -27.41
N THR A 170 4.87 14.10 -28.56
CA THR A 170 3.91 14.45 -29.61
C THR A 170 3.19 13.20 -30.05
N THR A 171 3.95 12.11 -30.18
CA THR A 171 3.41 10.83 -30.58
C THR A 171 4.28 9.76 -29.94
N ILE A 172 3.64 8.76 -29.33
CA ILE A 172 4.38 7.66 -28.73
C ILE A 172 4.06 6.41 -29.53
N HIS A 173 5.02 5.96 -30.33
CA HIS A 173 4.85 4.82 -31.19
C HIS A 173 5.00 3.45 -30.52
N GLU A 174 5.97 3.38 -29.60
CA GLU A 174 6.25 2.14 -28.89
C GLU A 174 6.64 2.39 -27.45
N LEU A 175 6.21 1.53 -26.54
CA LEU A 175 6.69 1.56 -25.17
C LEU A 175 7.12 0.17 -24.70
N LEU A 176 8.32 0.08 -24.14
CA LEU A 176 8.79 -1.18 -23.53
C LEU A 176 9.12 -0.91 -22.06
N VAL A 177 8.73 -1.82 -21.17
CA VAL A 177 9.02 -1.67 -19.75
C VAL A 177 9.88 -2.84 -19.25
N ARG A 178 10.74 -2.57 -18.29
CA ARG A 178 11.60 -3.58 -17.73
C ARG A 178 11.62 -3.40 -16.22
N MET A 179 11.31 -4.46 -15.48
CA MET A 179 11.26 -4.41 -14.02
C MET A 179 12.64 -4.67 -13.41
N LYS A 180 13.15 -3.69 -12.67
CA LYS A 180 14.46 -3.85 -12.03
C LYS A 180 14.33 -4.07 -10.53
N ARG A 181 15.16 -4.97 -9.98
CA ARG A 181 15.13 -5.31 -8.55
C ARG A 181 13.75 -5.86 -8.13
N ALA A 182 13.04 -6.55 -9.01
CA ALA A 182 11.70 -6.99 -8.65
C ALA A 182 11.57 -7.90 -7.42
N GLU A 183 10.55 -7.60 -6.64
CA GLU A 183 10.23 -8.37 -5.46
C GLU A 183 8.74 -8.70 -5.61
N LEU A 184 8.39 -9.98 -5.43
CA LEU A 184 6.98 -10.39 -5.51
C LEU A 184 6.54 -10.99 -4.19
N TYR A 185 5.28 -10.79 -3.84
CA TYR A 185 4.74 -11.35 -2.59
C TYR A 185 3.38 -12.00 -2.80
N CYS A 186 3.02 -12.93 -1.93
CA CYS A 186 1.67 -13.50 -1.93
C CYS A 186 1.17 -14.09 -3.25
N PRO A 187 1.81 -15.26 -3.67
CA PRO A 187 1.40 -15.71 -5.02
C PRO A 187 -0.07 -16.12 -5.23
N ARG A 188 -0.50 -15.92 -6.48
CA ARG A 188 -1.87 -16.08 -6.97
C ARG A 188 -1.84 -17.02 -8.17
N PRO A 189 -3.00 -17.58 -8.54
CA PRO A 189 -3.10 -18.49 -9.68
C PRO A 189 -2.42 -18.05 -10.98
N LEU A 190 -1.80 -19.01 -11.66
CA LEU A 190 -1.11 -18.79 -12.94
C LEU A 190 -1.55 -19.93 -13.85
N LEU A 191 -2.16 -19.58 -14.98
CA LEU A 191 -2.69 -20.59 -15.88
C LEU A 191 -2.06 -20.82 -17.26
N ALA A 192 -2.07 -22.09 -17.67
CA ALA A 192 -1.59 -22.51 -18.96
C ALA A 192 -2.83 -22.44 -19.87
N VAL A 193 -2.68 -22.63 -21.17
CA VAL A 193 -3.87 -22.60 -22.03
C VAL A 193 -4.70 -23.84 -21.70
N GLU A 194 -6.01 -23.76 -21.80
CA GLU A 194 -6.86 -24.93 -21.54
C GLU A 194 -6.75 -25.97 -22.65
N VAL A 195 -6.90 -27.25 -22.29
CA VAL A 195 -6.78 -28.33 -23.27
C VAL A 195 -8.08 -29.08 -23.55
N SER A 196 -8.55 -28.99 -24.80
CA SER A 196 -9.68 -29.79 -25.31
C SER A 196 -9.47 -31.30 -25.47
N SER A 197 -8.29 -31.69 -25.96
CA SER A 197 -7.98 -33.02 -26.46
C SER A 197 -8.23 -34.11 -25.43
N GLN A 198 -7.89 -33.79 -24.18
CA GLN A 198 -8.02 -34.72 -23.07
C GLN A 198 -6.80 -35.63 -22.97
N ASP A 199 -5.83 -35.45 -23.88
CA ASP A 199 -4.55 -36.12 -23.75
C ASP A 199 -3.37 -35.15 -23.55
N ARG A 200 -3.29 -34.13 -24.40
CA ARG A 200 -2.19 -33.17 -24.37
C ARG A 200 -2.52 -31.89 -25.10
N HIS A 201 -1.79 -30.82 -24.85
CA HIS A 201 -1.86 -29.68 -25.75
C HIS A 201 -0.67 -29.76 -26.71
N LYS A 202 -0.97 -30.01 -27.97
CA LYS A 202 0.05 -30.14 -29.01
C LYS A 202 0.20 -28.90 -29.89
N GLN A 203 1.43 -28.56 -30.24
CA GLN A 203 1.70 -27.41 -31.08
C GLN A 203 3.04 -27.59 -31.78
N LYS A 204 3.26 -26.81 -32.83
CA LYS A 204 4.50 -26.91 -33.61
C LYS A 204 5.75 -26.39 -32.87
N ILE A 205 6.60 -27.33 -32.47
CA ILE A 205 7.86 -27.03 -31.79
C ILE A 205 8.88 -26.82 -32.91
N ILE A 206 9.79 -25.87 -32.75
CA ILE A 206 10.78 -25.60 -33.80
C ILE A 206 11.62 -26.82 -34.17
N ALA A 207 11.83 -26.99 -35.47
CA ALA A 207 12.62 -28.10 -35.99
C ALA A 207 13.24 -27.73 -37.34
N PRO A 208 14.50 -28.18 -37.60
CA PRO A 208 15.20 -27.90 -38.85
C PRO A 208 14.34 -28.12 -40.09
N ALA A 209 14.53 -27.27 -41.10
CA ALA A 209 13.77 -27.36 -42.35
C ALA A 209 14.12 -28.62 -43.13
N LYS A 210 13.53 -28.76 -44.32
CA LYS A 210 13.75 -29.91 -45.19
C LYS A 210 13.36 -31.22 -44.51
N ASP B 1 -4.09 -34.88 22.24
CA ASP B 1 -3.05 -34.42 21.26
C ASP B 1 -3.68 -33.67 20.09
N ARG B 2 -4.80 -34.22 19.60
CA ARG B 2 -5.54 -33.60 18.50
C ARG B 2 -6.48 -32.60 19.17
N LEU B 3 -6.31 -32.50 20.49
CA LEU B 3 -7.08 -31.64 21.37
C LEU B 3 -6.40 -30.24 21.48
N LEU B 4 -7.09 -29.20 21.06
CA LEU B 4 -6.53 -27.84 21.06
C LEU B 4 -7.42 -26.78 21.66
N THR B 5 -6.85 -25.98 22.55
CA THR B 5 -7.62 -24.89 23.17
C THR B 5 -7.03 -23.56 22.74
N THR B 6 -7.84 -22.73 22.11
CA THR B 6 -7.33 -21.44 21.68
C THR B 6 -7.93 -20.34 22.53
N ARG B 7 -7.08 -19.42 22.94
CA ARG B 7 -7.55 -18.33 23.75
C ARG B 7 -7.24 -16.96 23.17
N ASN B 8 -8.28 -16.13 23.19
CA ASN B 8 -8.22 -14.75 22.71
C ASN B 8 -9.00 -13.95 23.73
N GLY B 9 -8.29 -13.15 24.53
CA GLY B 9 -8.97 -12.35 25.53
C GLY B 9 -9.68 -13.22 26.57
N HIS B 10 -10.92 -12.87 26.87
CA HIS B 10 -11.73 -13.60 27.84
C HIS B 10 -12.65 -14.59 27.11
N THR B 11 -12.18 -15.10 25.98
CA THR B 11 -12.95 -16.07 25.20
C THR B 11 -12.04 -17.25 24.80
N THR B 12 -12.58 -18.46 24.89
CA THR B 12 -11.82 -19.63 24.52
C THR B 12 -12.61 -20.52 23.58
N SER B 13 -11.90 -21.42 22.94
CA SER B 13 -12.49 -22.37 22.01
C SER B 13 -11.66 -23.63 22.06
N THR B 14 -12.31 -24.73 22.45
CA THR B 14 -11.64 -26.01 22.50
C THR B 14 -12.19 -26.95 21.43
N THR B 15 -11.29 -27.65 20.74
CA THR B 15 -11.69 -28.58 19.70
C THR B 15 -10.96 -29.92 19.89
N GLN B 16 -11.67 -31.04 19.79
CA GLN B 16 -10.98 -32.32 19.96
C GLN B 16 -10.69 -33.00 18.60
N SER B 17 -10.99 -32.29 17.51
CA SER B 17 -10.73 -32.79 16.15
C SER B 17 -9.92 -31.72 15.41
N SER B 18 -8.77 -31.42 15.98
CA SER B 18 -7.88 -30.37 15.49
C SER B 18 -6.77 -30.96 14.63
N VAL B 19 -6.54 -30.35 13.48
CA VAL B 19 -5.49 -30.78 12.56
C VAL B 19 -4.24 -29.90 12.69
N GLY B 20 -4.22 -29.06 13.71
CA GLY B 20 -3.16 -28.09 13.90
C GLY B 20 -3.51 -26.71 13.38
N VAL B 21 -2.57 -25.77 13.52
CA VAL B 21 -2.80 -24.37 13.16
C VAL B 21 -1.91 -24.05 11.96
N THR B 22 -2.45 -23.32 10.99
CA THR B 22 -1.67 -22.94 9.82
C THR B 22 -1.43 -21.45 9.84
N TYR B 23 -0.16 -21.08 9.79
CA TYR B 23 0.25 -19.68 9.78
C TYR B 23 0.46 -19.26 8.34
N GLY B 24 -0.20 -18.18 7.93
CA GLY B 24 -0.05 -17.76 6.56
C GLY B 24 0.90 -16.60 6.32
N TYR B 25 1.94 -16.83 5.55
CA TYR B 25 2.80 -15.81 4.98
C TYR B 25 3.78 -15.27 6.02
N SER B 26 3.52 -15.58 7.28
CA SER B 26 4.37 -15.10 8.37
C SER B 26 4.04 -15.77 9.69
N THR B 27 4.93 -15.64 10.66
CA THR B 27 4.63 -16.06 12.02
C THR B 27 4.56 -14.85 12.97
N GLN B 28 4.79 -13.65 12.44
CA GLN B 28 4.75 -12.42 13.23
C GLN B 28 4.01 -11.25 12.58
N GLU B 29 4.13 -10.07 13.19
CA GLU B 29 3.51 -8.83 12.69
C GLU B 29 4.57 -7.74 12.46
N ASP B 30 4.56 -7.13 11.26
CA ASP B 30 5.51 -6.05 10.91
C ASP B 30 5.40 -4.92 11.96
N HIS B 31 6.19 -3.87 11.83
CA HIS B 31 6.10 -2.85 12.82
C HIS B 31 4.71 -2.33 12.75
N VAL B 32 4.04 -2.26 13.90
CA VAL B 32 2.71 -1.69 13.97
C VAL B 32 2.79 -0.18 14.16
N SER B 33 4.01 0.34 14.22
CA SER B 33 4.21 1.78 14.35
C SER B 33 5.23 2.19 13.30
N GLY B 34 4.80 2.99 12.35
CA GLY B 34 5.70 3.44 11.32
C GLY B 34 5.49 4.92 11.18
N PRO B 35 6.15 5.55 10.21
CA PRO B 35 6.04 7.00 9.98
C PRO B 35 4.66 7.56 9.68
N ASN B 36 3.75 6.74 9.17
CA ASN B 36 2.43 7.22 8.78
C ASN B 36 1.43 7.53 9.89
N THR B 37 1.78 7.21 11.12
CA THR B 37 0.90 7.46 12.27
C THR B 37 1.55 8.41 13.26
N SER B 38 2.78 8.81 12.96
CA SER B 38 3.51 9.74 13.82
C SER B 38 3.43 9.47 15.32
N GLY B 39 3.49 8.19 15.71
CA GLY B 39 3.45 7.82 17.11
C GLY B 39 2.12 7.93 17.86
N LEU B 40 1.05 8.28 17.14
CA LEU B 40 -0.25 8.45 17.75
C LEU B 40 -1.12 7.19 17.80
N GLU B 41 -0.63 6.10 17.23
CA GLU B 41 -1.41 4.86 17.24
C GLU B 41 -1.43 4.29 18.65
N THR B 42 -2.40 3.43 18.95
CA THR B 42 -2.51 2.78 20.27
C THR B 42 -3.15 1.42 20.07
N ARG B 43 -2.91 0.53 21.03
CA ARG B 43 -3.47 -0.80 20.94
C ARG B 43 -4.74 -0.93 21.77
N VAL B 44 -5.73 -1.65 21.24
CA VAL B 44 -6.99 -1.85 21.95
C VAL B 44 -7.23 -3.34 22.18
N VAL B 45 -6.70 -3.89 23.28
CA VAL B 45 -6.87 -5.31 23.57
C VAL B 45 -8.32 -5.73 23.78
N GLN B 46 -9.16 -4.82 24.24
CA GLN B 46 -10.58 -5.14 24.47
C GLN B 46 -11.31 -5.62 23.22
N ALA B 47 -10.68 -5.47 22.06
CA ALA B 47 -11.26 -5.88 20.79
C ALA B 47 -10.72 -7.22 20.31
N GLU B 48 -9.64 -7.68 20.94
CA GLU B 48 -9.00 -8.95 20.56
C GLU B 48 -9.63 -10.17 21.21
N ARG B 49 -10.80 -10.55 20.71
CA ARG B 49 -11.52 -11.69 21.27
C ARG B 49 -12.43 -12.24 20.16
N PHE B 50 -12.95 -13.45 20.36
CA PHE B 50 -13.80 -14.11 19.36
C PHE B 50 -15.19 -13.56 19.10
N PHE B 51 -15.59 -13.56 17.83
CA PHE B 51 -16.94 -13.19 17.41
C PHE B 51 -17.31 -14.27 16.39
N LYS B 52 -18.60 -14.41 16.11
CA LYS B 52 -19.08 -15.54 15.30
C LYS B 52 -19.88 -15.13 14.08
N LYS B 53 -19.82 -15.96 13.04
CA LYS B 53 -20.56 -15.75 11.80
C LYS B 53 -20.83 -17.12 11.22
N HIS B 54 -22.04 -17.30 10.71
CA HIS B 54 -22.42 -18.54 10.06
C HIS B 54 -22.01 -18.34 8.60
N LEU B 55 -21.25 -19.26 8.03
CA LEU B 55 -20.82 -19.12 6.63
C LEU B 55 -21.85 -19.68 5.66
N PHE B 56 -22.23 -20.95 5.83
CA PHE B 56 -23.22 -21.57 4.95
C PHE B 56 -23.53 -23.00 5.33
N ASP B 57 -24.52 -23.56 4.63
CA ASP B 57 -24.93 -24.92 4.87
C ASP B 57 -24.36 -25.82 3.77
N TRP B 58 -23.45 -26.70 4.16
CA TRP B 58 -22.82 -27.62 3.23
C TRP B 58 -23.80 -28.76 3.01
N THR B 59 -24.34 -28.82 1.81
CA THR B 59 -25.32 -29.83 1.44
C THR B 59 -24.80 -30.66 0.26
N PRO B 60 -25.32 -31.88 0.10
CA PRO B 60 -24.93 -32.80 -0.97
C PRO B 60 -25.01 -32.29 -2.39
N ASP B 61 -25.93 -31.35 -2.62
CA ASP B 61 -26.11 -30.77 -3.95
C ASP B 61 -24.98 -29.86 -4.40
N LYS B 62 -24.34 -29.19 -3.45
CA LYS B 62 -23.26 -28.29 -3.78
C LYS B 62 -22.08 -29.07 -4.36
N ALA B 63 -21.72 -28.73 -5.60
CA ALA B 63 -20.61 -29.41 -6.28
C ALA B 63 -19.28 -28.74 -6.13
N PHE B 64 -18.26 -29.40 -6.68
CA PHE B 64 -16.91 -28.89 -6.66
C PHE B 64 -16.88 -27.46 -7.19
N GLY B 65 -16.12 -26.60 -6.54
CA GLY B 65 -16.04 -25.23 -7.00
C GLY B 65 -17.01 -24.32 -6.29
N HIS B 66 -18.04 -24.89 -5.67
CA HIS B 66 -19.00 -24.06 -4.94
C HIS B 66 -18.19 -23.26 -3.94
N LEU B 67 -18.29 -21.94 -4.05
CA LEU B 67 -17.48 -21.11 -3.17
C LEU B 67 -18.23 -20.09 -2.36
N GLU B 68 -17.89 -20.01 -1.07
CA GLU B 68 -18.49 -19.08 -0.13
C GLU B 68 -17.39 -18.18 0.43
N LYS B 69 -17.66 -16.88 0.54
CA LYS B 69 -16.65 -15.93 1.05
C LYS B 69 -17.19 -14.97 2.10
N LEU B 70 -16.27 -14.50 2.93
CA LEU B 70 -16.60 -13.55 3.98
C LEU B 70 -15.43 -12.56 4.02
N GLU B 71 -15.66 -11.33 3.50
CA GLU B 71 -14.62 -10.32 3.50
C GLU B 71 -14.49 -9.75 4.90
N LEU B 72 -13.25 -9.56 5.35
CA LEU B 72 -13.03 -9.05 6.71
C LEU B 72 -12.35 -7.68 6.67
N PRO B 73 -12.71 -6.80 7.62
CA PRO B 73 -13.69 -7.09 8.67
C PRO B 73 -15.13 -7.03 8.19
N THR B 74 -16.02 -7.72 8.91
CA THR B 74 -17.44 -7.72 8.56
C THR B 74 -18.12 -6.80 9.55
N ASP B 75 -19.45 -6.74 9.50
CA ASP B 75 -20.17 -5.90 10.42
C ASP B 75 -19.96 -6.53 11.80
N HIS B 76 -19.42 -5.74 12.71
CA HIS B 76 -19.14 -6.21 14.05
C HIS B 76 -19.95 -5.36 15.02
N LYS B 77 -20.85 -6.00 15.77
CA LYS B 77 -21.71 -5.30 16.71
C LYS B 77 -21.05 -5.09 18.10
N GLY B 78 -19.76 -5.34 18.21
CA GLY B 78 -19.08 -5.18 19.48
C GLY B 78 -18.03 -4.08 19.54
N VAL B 79 -17.10 -4.21 20.46
CA VAL B 79 -16.02 -3.24 20.65
C VAL B 79 -15.22 -2.97 19.36
N TYR B 80 -14.84 -4.03 18.66
CA TYR B 80 -14.06 -3.88 17.45
C TYR B 80 -14.83 -3.06 16.43
N GLY B 81 -16.12 -3.32 16.30
CA GLY B 81 -16.92 -2.56 15.36
C GLY B 81 -17.00 -1.08 15.73
N HIS B 82 -17.05 -0.77 17.03
CA HIS B 82 -17.12 0.63 17.45
C HIS B 82 -15.82 1.31 17.05
N LEU B 83 -14.72 0.58 17.17
CA LEU B 83 -13.42 1.13 16.80
C LEU B 83 -13.45 1.64 15.35
N VAL B 84 -13.98 0.83 14.45
CA VAL B 84 -14.06 1.20 13.05
C VAL B 84 -14.74 2.54 12.81
N ASP B 85 -15.70 2.87 13.68
CA ASP B 85 -16.48 4.12 13.61
C ASP B 85 -15.87 5.28 14.36
N SER B 86 -14.99 4.99 15.31
CA SER B 86 -14.36 6.01 16.14
C SER B 86 -12.97 6.40 15.68
N PHE B 87 -12.33 5.57 14.86
CA PHE B 87 -10.98 5.89 14.41
C PHE B 87 -10.83 5.89 12.90
N ALA B 88 -10.10 6.87 12.40
CA ALA B 88 -9.90 6.98 10.97
C ALA B 88 -9.09 5.82 10.40
N TYR B 89 -8.10 5.33 11.15
CA TYR B 89 -7.22 4.25 10.70
C TYR B 89 -7.03 3.12 11.71
N MET B 90 -6.98 1.89 11.19
CA MET B 90 -6.79 0.71 12.03
C MET B 90 -5.97 -0.31 11.28
N ARG B 91 -5.50 -1.33 12.01
CA ARG B 91 -4.75 -2.46 11.46
C ARG B 91 -4.85 -3.60 12.47
N ASN B 92 -4.91 -4.83 11.96
CA ASN B 92 -5.01 -6.01 12.81
C ASN B 92 -4.88 -7.27 11.96
N GLY B 93 -4.52 -8.39 12.60
CA GLY B 93 -4.41 -9.64 11.88
C GLY B 93 -5.64 -10.46 12.25
N TRP B 94 -5.67 -11.72 11.84
CA TRP B 94 -6.81 -12.58 12.16
C TRP B 94 -6.42 -13.96 12.66
N ASP B 95 -7.17 -14.42 13.65
CA ASP B 95 -7.02 -15.75 14.20
C ASP B 95 -8.37 -16.34 13.80
N VAL B 96 -8.36 -17.26 12.84
CA VAL B 96 -9.59 -17.86 12.32
C VAL B 96 -9.82 -19.36 12.59
N GLU B 97 -11.00 -19.66 13.09
CA GLU B 97 -11.39 -21.05 13.37
C GLU B 97 -12.66 -21.30 12.56
N VAL B 98 -12.68 -22.35 11.76
CA VAL B 98 -13.88 -22.66 10.98
C VAL B 98 -14.28 -24.08 11.34
N SER B 99 -15.54 -24.26 11.71
CA SER B 99 -16.02 -25.58 12.09
C SER B 99 -17.11 -26.04 11.13
N ALA B 100 -17.17 -27.35 10.92
CA ALA B 100 -18.14 -27.99 10.03
C ALA B 100 -18.51 -29.32 10.67
N VAL B 101 -19.45 -29.29 11.61
CA VAL B 101 -19.88 -30.48 12.33
C VAL B 101 -20.95 -31.37 11.67
N GLY B 102 -20.60 -32.63 11.42
CA GLY B 102 -21.50 -33.62 10.87
C GLY B 102 -21.14 -34.83 11.73
N ASN B 103 -20.70 -35.91 11.11
CA ASN B 103 -20.21 -37.01 11.90
C ASN B 103 -19.21 -37.76 11.04
N GLN B 104 -18.56 -38.76 11.63
CA GLN B 104 -17.54 -39.52 10.91
C GLN B 104 -18.08 -40.32 9.73
N PHE B 105 -19.40 -40.47 9.62
CA PHE B 105 -19.99 -41.23 8.52
C PHE B 105 -20.34 -40.41 7.29
N ASN B 106 -19.97 -39.13 7.34
CA ASN B 106 -20.15 -38.23 6.21
C ASN B 106 -18.87 -38.31 5.39
N GLY B 107 -18.95 -37.95 4.12
CA GLY B 107 -17.77 -37.97 3.29
C GLY B 107 -17.66 -36.61 2.64
N GLY B 108 -16.62 -36.38 1.87
CA GLY B 108 -16.50 -35.08 1.22
C GLY B 108 -15.32 -34.32 1.77
N CYS B 109 -15.11 -33.11 1.27
CA CYS B 109 -13.96 -32.35 1.70
C CYS B 109 -14.12 -30.89 1.33
N LEU B 110 -13.86 -30.00 2.30
CA LEU B 110 -13.92 -28.55 2.10
C LEU B 110 -12.52 -27.95 2.18
N LEU B 111 -12.28 -26.89 1.41
CA LEU B 111 -11.02 -26.17 1.48
C LEU B 111 -11.23 -24.84 2.19
N VAL B 112 -10.48 -24.61 3.26
CA VAL B 112 -10.56 -23.34 3.96
C VAL B 112 -9.29 -22.53 3.73
N ALA B 113 -9.44 -21.38 3.10
CA ALA B 113 -8.29 -20.53 2.79
C ALA B 113 -8.52 -19.08 3.20
N MET B 114 -7.42 -18.39 3.48
CA MET B 114 -7.46 -16.95 3.72
C MET B 114 -6.84 -16.28 2.51
N VAL B 115 -7.61 -15.42 1.85
CA VAL B 115 -7.11 -14.79 0.63
C VAL B 115 -6.87 -13.28 0.74
N PRO B 116 -5.65 -12.82 0.40
CA PRO B 116 -5.34 -11.38 0.47
C PRO B 116 -5.83 -10.68 -0.82
N GLU B 117 -6.49 -9.55 -0.67
CA GLU B 117 -7.05 -8.79 -1.81
C GLU B 117 -7.97 -9.66 -2.69
N TRP B 118 -9.16 -9.98 -2.19
CA TRP B 118 -10.09 -10.81 -2.97
C TRP B 118 -10.56 -10.19 -4.28
N LYS B 119 -10.76 -11.04 -5.27
CA LYS B 119 -11.24 -10.68 -6.61
C LYS B 119 -11.87 -12.01 -7.05
N GLU B 120 -13.04 -11.97 -7.68
CA GLU B 120 -13.71 -13.20 -8.07
C GLU B 120 -12.85 -14.15 -8.88
N PHE B 121 -12.85 -15.41 -8.48
CA PHE B 121 -12.04 -16.40 -9.16
C PHE B 121 -12.77 -17.09 -10.29
N THR B 122 -12.06 -17.31 -11.40
CA THR B 122 -12.67 -18.01 -12.52
C THR B 122 -12.68 -19.49 -12.16
N PRO B 123 -13.46 -20.28 -12.90
CA PRO B 123 -13.53 -21.72 -12.62
C PRO B 123 -12.20 -22.43 -12.65
N ARG B 124 -11.33 -22.01 -13.57
CA ARG B 124 -10.02 -22.63 -13.69
C ARG B 124 -9.06 -22.20 -12.60
N GLU B 125 -9.20 -20.98 -12.10
CA GLU B 125 -8.31 -20.50 -11.06
C GLU B 125 -8.61 -21.22 -9.75
N LYS B 126 -9.80 -21.81 -9.64
CA LYS B 126 -10.18 -22.52 -8.41
C LYS B 126 -9.35 -23.77 -8.16
N TYR B 127 -8.70 -24.28 -9.20
CA TYR B 127 -7.86 -25.47 -9.07
C TYR B 127 -6.54 -25.11 -8.38
N GLN B 128 -6.33 -23.82 -8.13
CA GLN B 128 -5.09 -23.33 -7.52
C GLN B 128 -5.23 -22.52 -6.21
N LEU B 129 -6.41 -22.58 -5.60
CA LEU B 129 -6.68 -21.84 -4.36
C LEU B 129 -5.80 -22.30 -3.20
N THR B 130 -5.03 -23.37 -3.43
CA THR B 130 -4.14 -23.91 -2.41
C THR B 130 -2.85 -23.10 -2.32
N LEU B 131 -2.74 -22.06 -3.14
CA LEU B 131 -1.58 -21.18 -3.14
C LEU B 131 -1.72 -20.22 -1.97
N PHE B 132 -2.93 -20.19 -1.41
CA PHE B 132 -3.20 -19.31 -0.27
C PHE B 132 -3.19 -20.09 1.04
N PRO B 133 -2.93 -19.42 2.14
CA PRO B 133 -2.91 -20.11 3.45
C PRO B 133 -4.20 -20.90 3.68
N HIS B 134 -4.09 -22.20 3.93
CA HIS B 134 -5.26 -23.05 4.01
C HIS B 134 -5.13 -24.28 4.86
N GLN B 135 -6.24 -25.02 4.94
CA GLN B 135 -6.35 -26.33 5.59
C GLN B 135 -7.60 -26.93 4.95
N PHE B 136 -7.84 -28.21 5.19
CA PHE B 136 -9.04 -28.87 4.68
C PHE B 136 -9.84 -29.38 5.86
N ILE B 137 -11.14 -29.50 5.64
CA ILE B 137 -12.02 -30.07 6.63
C ILE B 137 -12.63 -31.26 5.88
N SER B 138 -12.36 -32.46 6.37
CA SER B 138 -12.87 -33.70 5.77
C SER B 138 -13.41 -34.50 6.97
N PRO B 139 -14.73 -34.75 7.01
CA PRO B 139 -15.40 -35.48 8.09
C PRO B 139 -14.71 -36.70 8.70
N ARG B 140 -14.04 -37.52 7.88
CA ARG B 140 -13.36 -38.71 8.37
C ARG B 140 -12.18 -38.33 9.26
N THR B 141 -11.68 -37.12 9.09
CA THR B 141 -10.54 -36.68 9.87
C THR B 141 -10.72 -35.53 10.86
N ASN B 142 -11.44 -34.48 10.49
CA ASN B 142 -11.60 -33.34 11.38
C ASN B 142 -12.86 -32.51 11.17
N MET B 143 -13.23 -31.75 12.19
CA MET B 143 -14.40 -30.88 12.13
C MET B 143 -13.95 -29.41 12.16
N THR B 144 -12.65 -29.20 12.35
CA THR B 144 -12.13 -27.86 12.48
C THR B 144 -10.90 -27.52 11.62
N ALA B 145 -10.89 -26.30 11.11
CA ALA B 145 -9.77 -25.77 10.35
C ALA B 145 -9.32 -24.56 11.17
N HIS B 146 -8.03 -24.31 11.21
CA HIS B 146 -7.56 -23.18 11.98
C HIS B 146 -6.40 -22.48 11.26
N ILE B 147 -6.60 -21.22 10.86
CA ILE B 147 -5.60 -20.44 10.16
C ILE B 147 -5.32 -19.12 10.89
N VAL B 148 -4.06 -18.72 10.92
CA VAL B 148 -3.66 -17.47 11.57
C VAL B 148 -2.88 -16.62 10.57
N VAL B 149 -3.35 -15.41 10.31
CA VAL B 149 -2.67 -14.53 9.35
C VAL B 149 -2.37 -13.16 9.94
N PRO B 150 -1.33 -12.50 9.42
CA PRO B 150 -0.93 -11.17 9.87
C PRO B 150 -1.61 -10.08 9.05
N TYR B 151 -1.52 -8.83 9.50
CA TYR B 151 -1.99 -7.71 8.69
C TYR B 151 -1.06 -7.50 7.51
N LEU B 152 -1.62 -7.10 6.38
CA LEU B 152 -0.82 -6.76 5.20
C LEU B 152 -1.54 -5.82 4.25
N GLY B 153 -0.77 -5.21 3.36
CA GLY B 153 -1.32 -4.41 2.28
C GLY B 153 -0.35 -3.34 1.87
N VAL B 154 -0.70 -2.56 0.85
CA VAL B 154 0.18 -1.49 0.43
C VAL B 154 0.33 -0.40 1.49
N ASN B 155 -0.65 -0.30 2.39
CA ASN B 155 -0.59 0.69 3.46
C ASN B 155 -0.40 0.08 4.84
N ARG B 156 0.50 0.67 5.63
CA ARG B 156 0.82 0.18 6.98
C ARG B 156 -0.42 0.18 7.91
N TYR B 157 -1.39 1.05 7.58
CA TYR B 157 -2.68 1.19 8.30
C TYR B 157 -3.79 1.33 7.25
N ASP B 158 -5.02 0.96 7.60
CA ASP B 158 -6.12 0.96 6.63
C ASP B 158 -7.37 1.71 7.10
N GLN B 159 -8.30 1.86 6.15
CA GLN B 159 -9.59 2.48 6.41
C GLN B 159 -10.51 1.33 5.98
N TYR B 160 -10.97 0.55 6.94
CA TYR B 160 -11.78 -0.62 6.60
C TYR B 160 -13.11 -0.34 5.95
N LYS B 161 -13.57 0.89 6.04
CA LYS B 161 -14.80 1.27 5.37
C LYS B 161 -14.56 1.14 3.88
N LYS B 162 -13.32 1.41 3.49
CA LYS B 162 -12.93 1.51 2.09
C LYS B 162 -12.13 0.30 1.54
N HIS B 163 -11.47 -0.47 2.39
CA HIS B 163 -10.67 -1.59 1.89
C HIS B 163 -10.67 -2.77 2.85
N LYS B 164 -10.84 -3.98 2.32
CA LYS B 164 -10.85 -5.20 3.12
C LYS B 164 -9.77 -6.14 2.59
N PRO B 165 -8.58 -6.10 3.21
CA PRO B 165 -7.42 -6.90 2.85
C PRO B 165 -7.61 -8.41 2.87
N TRP B 166 -8.22 -8.92 3.93
CA TRP B 166 -8.44 -10.36 4.03
C TRP B 166 -9.85 -10.82 3.73
N THR B 167 -9.96 -11.99 3.14
CA THR B 167 -11.24 -12.55 2.79
C THR B 167 -11.19 -14.03 3.12
N LEU B 168 -12.12 -14.50 3.95
CA LEU B 168 -12.18 -15.91 4.31
C LEU B 168 -12.94 -16.61 3.19
N VAL B 169 -12.42 -17.72 2.73
CA VAL B 169 -13.01 -18.46 1.62
C VAL B 169 -13.15 -19.95 1.96
N VAL B 170 -14.33 -20.50 1.73
CA VAL B 170 -14.59 -21.92 1.94
C VAL B 170 -15.07 -22.45 0.59
N MET B 171 -14.45 -23.51 0.11
CA MET B 171 -14.82 -24.09 -1.19
C MET B 171 -15.00 -25.60 -1.13
N VAL B 172 -15.99 -26.10 -1.85
CA VAL B 172 -16.23 -27.54 -1.87
C VAL B 172 -15.20 -28.13 -2.84
N VAL B 173 -14.44 -29.11 -2.37
CA VAL B 173 -13.44 -29.79 -3.19
C VAL B 173 -14.02 -31.13 -3.66
N SER B 174 -14.72 -31.82 -2.76
CA SER B 174 -15.40 -33.06 -3.08
C SER B 174 -16.70 -32.94 -2.27
N PRO B 175 -17.86 -33.11 -2.95
CA PRO B 175 -19.18 -33.01 -2.33
C PRO B 175 -19.47 -33.90 -1.14
N LEU B 176 -20.32 -33.37 -0.26
CA LEU B 176 -20.73 -34.04 0.96
C LEU B 176 -21.43 -35.33 0.58
N THR B 177 -21.04 -36.44 1.21
CA THR B 177 -21.69 -37.73 0.95
C THR B 177 -22.42 -38.13 2.22
N THR B 178 -23.57 -38.78 2.06
CA THR B 178 -24.37 -39.19 3.21
C THR B 178 -24.87 -40.63 3.12
N ASN B 179 -25.05 -41.26 4.28
CA ASN B 179 -25.57 -42.61 4.35
C ASN B 179 -26.60 -42.69 5.48
N THR B 180 -27.11 -43.88 5.78
CA THR B 180 -28.13 -44.02 6.83
C THR B 180 -27.68 -43.54 8.19
N VAL B 181 -26.42 -43.78 8.47
CA VAL B 181 -25.78 -43.40 9.72
C VAL B 181 -25.22 -41.96 9.80
N SER B 182 -25.05 -41.29 8.68
CA SER B 182 -24.48 -39.94 8.71
C SER B 182 -25.49 -38.83 8.95
N ALA B 183 -24.96 -37.61 8.98
CA ALA B 183 -25.76 -36.41 9.13
C ALA B 183 -26.26 -36.12 7.73
N GLY B 184 -27.25 -35.24 7.61
CA GLY B 184 -27.82 -34.94 6.31
C GLY B 184 -27.19 -33.73 5.63
N GLN B 185 -26.82 -32.75 6.44
CA GLN B 185 -26.16 -31.54 5.94
C GLN B 185 -25.16 -31.14 7.00
N ILE B 186 -24.35 -30.13 6.74
CA ILE B 186 -23.37 -29.66 7.73
C ILE B 186 -23.33 -28.15 7.67
N LYS B 187 -23.69 -27.51 8.78
CA LYS B 187 -23.69 -26.06 8.88
C LYS B 187 -22.28 -25.63 9.26
N VAL B 188 -21.71 -24.75 8.44
CA VAL B 188 -20.37 -24.25 8.62
C VAL B 188 -20.39 -22.88 9.30
N TYR B 189 -19.64 -22.76 10.40
CA TYR B 189 -19.57 -21.52 11.17
C TYR B 189 -18.11 -21.04 11.34
N ALA B 190 -17.92 -19.73 11.41
CA ALA B 190 -16.60 -19.14 11.61
C ALA B 190 -16.49 -18.58 13.03
N ASN B 191 -15.30 -18.75 13.63
CA ASN B 191 -15.03 -18.22 14.95
C ASN B 191 -13.78 -17.39 14.73
N ILE B 192 -13.96 -16.07 14.69
CA ILE B 192 -12.88 -15.16 14.39
C ILE B 192 -12.47 -14.19 15.49
N ALA B 193 -11.17 -13.95 15.56
CA ALA B 193 -10.64 -13.02 16.54
C ALA B 193 -9.64 -12.05 15.90
N PRO B 194 -9.88 -10.74 16.02
CA PRO B 194 -8.91 -9.82 15.42
C PRO B 194 -7.69 -9.83 16.34
N THR B 195 -6.51 -9.76 15.75
CA THR B 195 -5.29 -9.79 16.54
C THR B 195 -4.48 -8.52 16.36
N HIS B 196 -3.74 -8.15 17.40
CA HIS B 196 -2.89 -6.94 17.41
C HIS B 196 -3.59 -5.73 16.85
N VAL B 197 -4.74 -5.45 17.44
CA VAL B 197 -5.55 -4.33 17.05
C VAL B 197 -4.94 -2.97 17.45
N HIS B 198 -4.69 -2.12 16.45
CA HIS B 198 -4.17 -0.78 16.67
C HIS B 198 -5.03 0.20 15.90
N VAL B 199 -5.27 1.35 16.52
CA VAL B 199 -6.08 2.39 15.92
C VAL B 199 -5.26 3.67 15.96
N ALA B 200 -5.61 4.62 15.08
CA ALA B 200 -4.95 5.92 15.01
C ALA B 200 -5.90 6.91 14.34
N GLY B 201 -5.93 8.13 14.84
CA GLY B 201 -6.81 9.16 14.27
C GLY B 201 -8.20 9.17 14.87
N GLU B 202 -8.31 9.59 16.13
CA GLU B 202 -9.62 9.64 16.77
C GLU B 202 -10.53 10.61 16.03
N LEU B 203 -11.76 10.17 15.82
CA LEU B 203 -12.77 10.95 15.11
C LEU B 203 -13.73 11.67 16.05
N PRO B 204 -14.37 12.74 15.54
CA PRO B 204 -15.30 13.48 16.37
C PRO B 204 -16.54 12.65 16.60
N SER B 205 -17.38 13.07 17.56
CA SER B 205 -18.61 12.37 17.85
C SER B 205 -19.61 12.83 16.78
N LYS B 206 -20.62 12.00 16.51
CA LYS B 206 -21.62 12.35 15.51
C LYS B 206 -22.74 13.26 16.04
N GLU B 207 -22.67 13.60 17.33
CA GLU B 207 -23.66 14.46 17.96
C GLU B 207 -23.13 15.11 19.24
N GLY C 1 46.14 -2.15 -33.55
CA GLY C 1 44.68 -2.04 -33.57
C GLY C 1 44.21 -1.06 -32.51
N ILE C 2 42.92 -0.77 -32.48
CA ILE C 2 42.37 0.15 -31.49
C ILE C 2 41.20 -0.49 -30.75
N VAL C 3 40.71 0.22 -29.73
CA VAL C 3 39.61 -0.23 -28.89
C VAL C 3 38.30 -0.29 -29.64
N PRO C 4 37.59 -1.42 -29.54
CA PRO C 4 36.30 -1.63 -30.19
C PRO C 4 35.23 -1.13 -29.25
N VAL C 5 34.28 -0.34 -29.75
CA VAL C 5 33.21 0.13 -28.89
C VAL C 5 31.88 -0.04 -29.61
N ALA C 6 30.83 -0.22 -28.81
CA ALA C 6 29.51 -0.39 -29.35
C ALA C 6 28.70 0.85 -29.00
N CYS C 7 28.55 1.74 -29.97
CA CYS C 7 27.76 2.97 -29.80
C CYS C 7 26.32 2.44 -29.63
N SER C 8 25.82 2.49 -28.39
CA SER C 8 24.52 1.95 -28.05
C SER C 8 23.26 2.75 -28.33
N ASP C 9 22.31 2.10 -29.01
CA ASP C 9 21.03 2.73 -29.35
C ASP C 9 20.21 2.94 -28.08
N GLY C 10 19.56 4.10 -27.98
CA GLY C 10 18.72 4.40 -26.83
C GLY C 10 19.44 5.24 -25.80
N TYR C 11 20.74 5.42 -26.00
CA TYR C 11 21.58 6.22 -25.11
C TYR C 11 22.16 7.44 -25.86
N GLY C 12 22.55 8.47 -25.10
CA GLY C 12 23.17 9.63 -25.72
C GLY C 12 22.36 10.90 -25.81
N GLY C 13 21.05 10.77 -25.82
CA GLY C 13 20.21 11.95 -25.93
C GLY C 13 20.35 12.84 -24.72
N LEU C 14 20.06 14.12 -24.92
CA LEU C 14 20.12 15.07 -23.82
C LEU C 14 18.87 14.89 -22.98
N VAL C 15 19.04 14.89 -21.65
CA VAL C 15 17.90 14.79 -20.74
C VAL C 15 18.13 15.99 -19.82
N THR C 16 17.16 16.90 -19.82
CA THR C 16 17.27 18.14 -19.05
C THR C 16 17.73 18.03 -17.61
N THR C 17 17.61 16.85 -17.02
CA THR C 17 18.00 16.65 -15.63
C THR C 17 19.13 15.64 -15.47
N ASP C 18 19.88 15.34 -16.53
CA ASP C 18 20.94 14.34 -16.40
C ASP C 18 22.02 14.70 -15.40
N PRO C 19 22.69 13.68 -14.86
CA PRO C 19 23.77 13.83 -13.87
C PRO C 19 25.18 14.05 -14.44
N LYS C 20 25.30 14.54 -15.66
CA LYS C 20 26.64 14.79 -16.18
C LYS C 20 26.92 16.27 -16.38
N THR C 21 28.17 16.54 -16.76
CA THR C 21 28.59 17.92 -16.96
C THR C 21 29.04 18.15 -18.38
N ALA C 22 28.93 19.41 -18.83
CA ALA C 22 29.32 19.77 -20.19
C ALA C 22 30.83 19.88 -20.32
N ASP C 23 31.32 20.04 -21.54
CA ASP C 23 32.74 20.20 -21.73
C ASP C 23 33.03 21.70 -21.61
N PRO C 24 34.09 22.07 -20.87
CA PRO C 24 34.53 23.45 -20.62
C PRO C 24 35.23 24.10 -21.81
N VAL C 25 35.09 25.41 -21.94
CA VAL C 25 35.73 26.10 -23.06
C VAL C 25 36.46 27.40 -22.74
N TYR C 26 36.31 27.90 -21.52
CA TYR C 26 36.95 29.17 -21.11
C TYR C 26 37.56 29.00 -19.71
N GLY C 27 38.81 28.52 -19.64
CA GLY C 27 39.44 28.27 -18.35
C GLY C 27 40.13 29.39 -17.61
N MET C 28 40.62 29.07 -16.41
CA MET C 28 41.35 30.02 -15.59
C MET C 28 40.60 31.24 -15.09
N VAL C 29 39.31 31.08 -14.79
CA VAL C 29 38.56 32.22 -14.29
C VAL C 29 38.47 32.24 -12.76
N TYR C 30 39.02 33.29 -12.15
CA TYR C 30 39.00 33.46 -10.68
C TYR C 30 37.95 34.51 -10.32
N ASN C 31 37.04 34.16 -9.41
CA ASN C 31 35.95 35.04 -9.00
C ASN C 31 36.27 36.03 -7.89
N PRO C 32 35.49 37.13 -7.79
CA PRO C 32 35.72 38.08 -6.70
C PRO C 32 35.36 37.31 -5.44
N PRO C 33 36.04 37.58 -4.32
CA PRO C 33 35.66 36.81 -3.14
C PRO C 33 34.28 37.15 -2.58
N ARG C 34 33.58 36.13 -2.09
CA ARG C 34 32.26 36.35 -1.50
C ARG C 34 32.17 35.56 -0.20
N THR C 35 33.29 35.52 0.51
CA THR C 35 33.35 34.81 1.76
C THR C 35 32.46 35.51 2.77
N ASN C 36 31.70 34.70 3.48
CA ASN C 36 30.81 35.17 4.54
C ASN C 36 29.77 36.17 4.10
N TYR C 37 29.27 36.01 2.88
CA TYR C 37 28.20 36.90 2.43
C TYR C 37 27.03 36.51 3.35
N PRO C 38 26.27 37.51 3.83
CA PRO C 38 25.15 37.20 4.74
C PRO C 38 23.86 36.60 4.16
N GLY C 39 23.05 36.08 5.08
CA GLY C 39 21.75 35.49 4.76
C GLY C 39 21.66 34.32 3.81
N ARG C 40 22.68 33.48 3.81
CA ARG C 40 22.65 32.33 2.92
C ARG C 40 21.75 31.23 3.43
N PHE C 41 21.05 30.57 2.52
CA PHE C 41 20.23 29.43 2.92
C PHE C 41 20.58 28.27 1.99
N THR C 42 20.73 27.06 2.55
CA THR C 42 21.11 25.94 1.68
C THR C 42 20.01 24.90 1.43
N ASN C 43 18.96 24.95 2.23
CA ASN C 43 17.82 24.05 2.07
C ASN C 43 16.56 24.90 2.25
N LEU C 44 15.63 24.77 1.33
CA LEU C 44 14.39 25.53 1.39
C LEU C 44 13.63 25.33 2.68
N LEU C 45 13.72 24.13 3.26
CA LEU C 45 13.00 23.83 4.49
C LEU C 45 13.58 24.46 5.75
N ASP C 46 14.85 24.89 5.70
CA ASP C 46 15.45 25.57 6.86
C ASP C 46 14.69 26.89 6.96
N VAL C 47 14.46 27.51 5.81
CA VAL C 47 13.72 28.77 5.72
C VAL C 47 12.25 28.54 6.10
N ALA C 48 11.63 27.50 5.55
CA ALA C 48 10.22 27.21 5.80
C ALA C 48 9.94 26.86 7.27
N GLU C 49 10.97 26.41 7.97
CA GLU C 49 10.85 26.06 9.37
C GLU C 49 10.91 27.30 10.26
N ALA C 50 11.84 28.20 9.94
CA ALA C 50 12.08 29.43 10.74
C ALA C 50 11.26 30.66 10.43
N CYS C 51 10.62 30.71 9.27
CA CYS C 51 9.84 31.88 8.89
C CYS C 51 8.38 31.59 8.58
N PRO C 52 7.52 31.63 9.60
CA PRO C 52 6.14 31.32 9.24
C PRO C 52 5.48 32.44 8.44
N THR C 53 4.58 32.07 7.55
CA THR C 53 3.91 33.08 6.76
C THR C 53 2.42 32.96 7.06
N PHE C 54 1.66 34.00 6.70
CA PHE C 54 0.24 34.04 7.03
C PHE C 54 -0.78 33.27 6.24
N LEU C 55 -1.78 32.79 6.97
CA LEU C 55 -2.90 32.09 6.37
C LEU C 55 -3.84 33.16 5.81
N CYS C 56 -4.77 32.74 4.98
CA CYS C 56 -5.67 33.68 4.36
C CYS C 56 -7.12 33.28 4.67
N PHE C 57 -7.83 34.14 5.39
CA PHE C 57 -9.23 33.85 5.72
C PHE C 57 -10.21 34.73 4.93
N ASP C 58 -11.42 34.90 5.45
CA ASP C 58 -12.42 35.71 4.76
C ASP C 58 -11.91 37.08 4.41
N GLU C 59 -12.14 37.47 3.16
CA GLU C 59 -11.75 38.78 2.67
C GLU C 59 -10.24 38.98 2.77
N GLY C 60 -9.50 37.87 2.70
CA GLY C 60 -8.06 37.95 2.79
C GLY C 60 -7.54 38.63 4.03
N LYS C 61 -7.84 38.07 5.18
CA LYS C 61 -7.33 38.65 6.40
C LYS C 61 -6.47 37.53 6.95
N PRO C 62 -5.32 37.86 7.54
CA PRO C 62 -4.45 36.83 8.10
C PRO C 62 -4.92 36.47 9.51
N TYR C 63 -6.18 36.79 9.82
CA TYR C 63 -6.71 36.55 11.14
C TYR C 63 -8.20 36.27 11.16
N VAL C 64 -8.64 35.78 12.31
CA VAL C 64 -10.05 35.48 12.54
C VAL C 64 -10.47 36.33 13.74
N VAL C 65 -11.75 36.63 13.81
CA VAL C 65 -12.30 37.44 14.88
C VAL C 65 -13.79 37.15 14.93
N THR C 66 -14.39 37.21 16.13
CA THR C 66 -15.84 37.00 16.27
C THR C 66 -16.36 38.03 17.25
N ARG C 67 -17.57 38.55 16.99
CA ARG C 67 -18.20 39.57 17.84
C ARG C 67 -19.04 39.00 19.00
N THR C 68 -19.34 37.71 18.93
CA THR C 68 -20.12 37.01 19.93
C THR C 68 -19.22 36.23 20.88
N ASP C 69 -19.59 36.17 22.15
CA ASP C 69 -18.80 35.51 23.18
C ASP C 69 -19.09 34.02 23.31
N GLU C 70 -20.03 33.53 22.51
CA GLU C 70 -20.42 32.14 22.55
C GLU C 70 -19.44 31.31 21.79
N GLN C 71 -19.62 30.00 21.86
CA GLN C 71 -18.78 29.07 21.14
C GLN C 71 -19.08 29.23 19.66
N ARG C 72 -18.03 29.24 18.85
CA ARG C 72 -18.20 29.40 17.41
C ARG C 72 -17.05 28.71 16.74
N LEU C 73 -17.28 28.24 15.52
CA LEU C 73 -16.22 27.65 14.72
C LEU C 73 -15.72 28.92 14.02
N LEU C 74 -14.55 29.40 14.41
CA LEU C 74 -13.99 30.61 13.80
C LEU C 74 -13.52 30.35 12.36
N ALA C 75 -12.97 29.18 12.11
CA ALA C 75 -12.49 28.84 10.78
C ALA C 75 -12.22 27.36 10.69
N LYS C 76 -12.33 26.84 9.48
CA LYS C 76 -11.99 25.47 9.19
C LYS C 76 -11.30 25.48 7.84
N PHE C 77 -10.27 24.67 7.69
CA PHE C 77 -9.64 24.52 6.39
C PHE C 77 -9.13 23.09 6.14
N ASP C 78 -8.94 22.75 4.88
CA ASP C 78 -8.48 21.42 4.52
C ASP C 78 -7.00 21.24 4.80
N VAL C 79 -6.61 20.07 5.27
CA VAL C 79 -5.21 19.82 5.50
C VAL C 79 -4.67 19.43 4.11
N SER C 80 -4.37 20.47 3.33
CA SER C 80 -3.83 20.37 1.98
C SER C 80 -2.92 21.57 1.72
N LEU C 81 -1.77 21.35 1.12
CA LEU C 81 -0.89 22.47 0.82
C LEU C 81 -1.54 23.27 -0.33
N ALA C 82 -2.58 22.68 -0.90
CA ALA C 82 -3.37 23.26 -1.99
C ALA C 82 -4.60 24.02 -1.48
N ALA C 83 -4.79 24.04 -0.17
CA ALA C 83 -5.90 24.75 0.46
C ALA C 83 -5.93 26.24 0.14
N LYS C 84 -7.14 26.78 0.08
CA LYS C 84 -7.36 28.19 -0.19
C LYS C 84 -6.67 29.05 0.88
N HIS C 85 -6.79 28.63 2.13
CA HIS C 85 -6.20 29.37 3.25
C HIS C 85 -4.69 29.37 3.29
N MET C 86 -4.08 28.42 2.57
CA MET C 86 -2.64 28.31 2.55
C MET C 86 -2.04 28.94 1.31
N SER C 87 -2.89 29.27 0.35
CA SER C 87 -2.46 29.81 -0.93
C SER C 87 -1.50 30.99 -0.96
N ASN C 88 -1.30 31.70 0.14
CA ASN C 88 -0.35 32.81 0.11
C ASN C 88 0.87 32.56 1.00
N THR C 89 0.94 31.36 1.56
CA THR C 89 2.04 30.99 2.44
C THR C 89 3.29 30.56 1.65
N TYR C 90 4.44 30.70 2.28
CA TYR C 90 5.72 30.30 1.70
C TYR C 90 5.77 28.77 1.62
N LEU C 91 5.19 28.09 2.61
CA LEU C 91 5.19 26.63 2.62
C LEU C 91 4.51 26.14 1.35
N SER C 92 3.37 26.71 1.01
CA SER C 92 2.67 26.27 -0.21
C SER C 92 3.44 26.72 -1.44
N GLY C 93 4.15 27.85 -1.34
CA GLY C 93 4.93 28.35 -2.45
C GLY C 93 5.97 27.32 -2.85
N ILE C 94 6.65 26.80 -1.84
CA ILE C 94 7.67 25.76 -1.98
C ILE C 94 7.05 24.42 -2.44
N ALA C 95 6.01 23.97 -1.72
CA ALA C 95 5.40 22.67 -2.02
C ALA C 95 4.85 22.44 -3.43
N GLN C 96 4.44 23.48 -4.13
CA GLN C 96 3.88 23.29 -5.46
C GLN C 96 4.87 22.69 -6.46
N TYR C 97 6.14 22.64 -6.06
CA TYR C 97 7.22 22.11 -6.91
C TYR C 97 7.67 20.70 -6.56
N TYR C 98 6.89 20.03 -5.73
CA TYR C 98 7.19 18.68 -5.31
C TYR C 98 5.90 17.88 -5.37
N ALA C 99 6.00 16.63 -5.83
CA ALA C 99 4.82 15.79 -5.96
C ALA C 99 4.29 15.23 -4.64
N GLN C 100 5.16 14.98 -3.67
CA GLN C 100 4.71 14.42 -2.40
C GLN C 100 5.33 15.01 -1.14
N TYR C 101 4.68 14.80 0.00
CA TYR C 101 5.20 15.26 1.27
C TYR C 101 4.80 14.29 2.37
N SER C 102 5.28 14.57 3.58
CA SER C 102 4.95 13.83 4.80
C SER C 102 5.53 14.65 5.93
N GLY C 103 5.02 14.48 7.13
CA GLY C 103 5.57 15.24 8.24
C GLY C 103 4.67 16.26 8.87
N THR C 104 5.20 16.89 9.92
CA THR C 104 4.48 17.88 10.69
C THR C 104 4.38 19.26 10.09
N ILE C 105 3.20 19.85 10.16
CA ILE C 105 2.96 21.22 9.68
C ILE C 105 2.57 21.96 10.96
N ASN C 106 3.24 23.08 11.24
CA ASN C 106 2.96 23.83 12.46
C ASN C 106 2.17 25.09 12.26
N LEU C 107 1.11 25.23 13.06
CA LEU C 107 0.25 26.41 13.06
C LEU C 107 0.66 27.31 14.23
N HIS C 108 0.62 28.61 13.99
CA HIS C 108 0.97 29.61 14.99
C HIS C 108 -0.21 30.55 15.16
N PHE C 109 -0.63 30.76 16.40
CA PHE C 109 -1.76 31.65 16.71
C PHE C 109 -1.29 32.80 17.58
N MET C 110 -1.44 34.02 17.10
CA MET C 110 -1.03 35.19 17.88
C MET C 110 -2.21 36.13 18.17
N PHE C 111 -2.48 36.36 19.46
CA PHE C 111 -3.58 37.24 19.88
C PHE C 111 -3.12 38.70 19.86
N THR C 112 -3.93 39.56 19.24
CA THR C 112 -3.61 40.97 19.11
C THR C 112 -4.50 41.91 19.91
N GLY C 113 -5.36 41.33 20.74
CA GLY C 113 -6.28 42.10 21.56
C GLY C 113 -5.64 43.00 22.62
N SER C 114 -6.44 43.92 23.17
CA SER C 114 -5.99 44.82 24.22
C SER C 114 -5.84 44.09 25.56
N THR C 115 -5.15 44.72 26.50
CA THR C 115 -4.94 44.14 27.81
C THR C 115 -6.25 43.71 28.49
N ASP C 116 -7.32 44.45 28.23
CA ASP C 116 -8.63 44.19 28.84
C ASP C 116 -9.51 43.17 28.11
N SER C 117 -8.96 42.54 27.06
CA SER C 117 -9.72 41.52 26.34
C SER C 117 -9.07 40.14 26.53
N LYS C 118 -9.90 39.17 26.87
CA LYS C 118 -9.47 37.80 27.11
C LYS C 118 -10.29 36.84 26.24
N ALA C 119 -9.71 35.68 25.95
CA ALA C 119 -10.40 34.66 25.16
C ALA C 119 -9.81 33.30 25.44
N ARG C 120 -10.54 32.26 25.05
CA ARG C 120 -10.08 30.90 25.23
C ARG C 120 -10.40 30.22 23.90
N TYR C 121 -9.37 29.67 23.27
CA TYR C 121 -9.55 29.02 21.97
C TYR C 121 -9.26 27.53 22.01
N MET C 122 -9.63 26.86 20.92
CA MET C 122 -9.40 25.43 20.74
C MET C 122 -9.07 25.17 19.27
N VAL C 123 -8.13 24.26 19.03
CA VAL C 123 -7.77 23.88 17.68
C VAL C 123 -7.86 22.35 17.63
N ALA C 124 -8.46 21.80 16.57
CA ALA C 124 -8.60 20.35 16.47
C ALA C 124 -8.17 19.81 15.12
N TYR C 125 -7.62 18.60 15.10
CA TYR C 125 -7.25 17.96 13.84
C TYR C 125 -8.30 16.88 13.61
N VAL C 126 -9.11 17.04 12.57
CA VAL C 126 -10.16 16.08 12.26
C VAL C 126 -9.69 15.18 11.11
N PRO C 127 -9.38 13.92 11.42
CA PRO C 127 -8.92 13.07 10.33
C PRO C 127 -10.03 12.68 9.35
N PRO C 128 -9.66 12.14 8.19
CA PRO C 128 -10.71 11.76 7.22
C PRO C 128 -11.56 10.60 7.72
N GLY C 129 -12.82 10.58 7.32
CA GLY C 129 -13.65 9.49 7.78
C GLY C 129 -14.99 9.96 8.24
N VAL C 130 -15.10 11.26 8.45
CA VAL C 130 -16.37 11.84 8.87
C VAL C 130 -16.79 12.64 7.63
N GLU C 131 -18.09 12.73 7.41
CA GLU C 131 -18.64 13.43 6.26
C GLU C 131 -18.33 14.91 6.26
N THR C 132 -18.60 15.56 7.39
CA THR C 132 -18.34 16.99 7.53
C THR C 132 -17.67 17.28 8.86
N PRO C 133 -16.98 18.43 8.96
CA PRO C 133 -16.28 18.83 10.19
C PRO C 133 -17.21 19.12 11.37
N PRO C 134 -16.70 18.97 12.60
CA PRO C 134 -17.52 19.23 13.79
C PRO C 134 -17.79 20.73 13.85
N ASP C 135 -19.04 21.11 14.11
CA ASP C 135 -19.39 22.54 14.19
C ASP C 135 -19.30 23.07 15.61
N THR C 136 -19.03 22.19 16.57
CA THR C 136 -18.96 22.61 17.96
C THR C 136 -17.77 22.01 18.70
N PRO C 137 -17.24 22.73 19.68
CA PRO C 137 -16.10 22.25 20.46
C PRO C 137 -16.40 20.90 21.11
N GLU C 138 -17.65 20.69 21.54
CA GLU C 138 -18.07 19.45 22.18
C GLU C 138 -17.84 18.26 21.28
N LYS C 139 -18.30 18.35 20.03
CA LYS C 139 -18.12 17.25 19.10
C LYS C 139 -16.66 17.04 18.71
N ALA C 140 -15.92 18.15 18.55
CA ALA C 140 -14.51 18.10 18.16
C ALA C 140 -13.57 17.68 19.27
N ALA C 141 -14.03 17.76 20.52
CA ALA C 141 -13.19 17.39 21.68
C ALA C 141 -12.67 15.97 21.59
N HIS C 142 -13.43 15.11 20.92
CA HIS C 142 -13.05 13.72 20.79
C HIS C 142 -11.92 13.50 19.80
N CYS C 143 -11.42 14.57 19.21
CA CYS C 143 -10.31 14.50 18.28
C CYS C 143 -9.03 14.92 18.99
N ILE C 144 -7.92 14.92 18.26
CA ILE C 144 -6.67 15.38 18.81
C ILE C 144 -6.86 16.90 18.84
N HIS C 145 -6.77 17.50 20.03
CA HIS C 145 -6.97 18.95 20.13
C HIS C 145 -6.16 19.61 21.25
N ALA C 146 -6.13 20.93 21.21
CA ALA C 146 -5.45 21.74 22.20
C ALA C 146 -6.35 22.94 22.52
N GLU C 147 -6.35 23.37 23.78
CA GLU C 147 -7.13 24.53 24.21
C GLU C 147 -6.13 25.48 24.86
N TRP C 148 -6.38 26.80 24.78
CA TRP C 148 -5.49 27.77 25.42
C TRP C 148 -6.13 29.13 25.75
N ASP C 149 -5.57 29.76 26.77
CA ASP C 149 -5.97 31.05 27.35
C ASP C 149 -5.16 32.16 26.70
N THR C 150 -5.68 33.38 26.72
CA THR C 150 -4.92 34.55 26.22
C THR C 150 -4.35 35.17 27.50
N GLY C 151 -3.05 35.38 27.54
CA GLY C 151 -2.46 36.00 28.71
C GLY C 151 -1.19 36.73 28.34
N LEU C 152 -0.21 36.66 29.24
CA LEU C 152 1.08 37.31 29.05
C LEU C 152 1.73 36.98 27.71
N ASN C 153 1.68 35.69 27.36
CA ASN C 153 2.24 35.20 26.10
C ASN C 153 1.18 35.18 25.03
N SER C 154 1.45 35.94 23.97
CA SER C 154 0.50 36.12 22.87
C SER C 154 0.44 35.02 21.83
N LYS C 155 1.49 34.20 21.73
CA LYS C 155 1.56 33.16 20.71
C LYS C 155 1.41 31.74 21.23
N PHE C 156 0.73 30.91 20.45
CA PHE C 156 0.53 29.48 20.77
C PHE C 156 0.80 28.72 19.47
N THR C 157 1.63 27.69 19.56
CA THR C 157 1.96 26.88 18.39
C THR C 157 1.42 25.47 18.59
N PHE C 158 0.89 24.91 17.49
CA PHE C 158 0.32 23.56 17.50
C PHE C 158 0.76 22.77 16.27
N SER C 159 1.09 21.50 16.46
CA SER C 159 1.53 20.67 15.35
C SER C 159 0.40 19.86 14.73
N ILE C 160 0.15 20.04 13.44
CA ILE C 160 -0.87 19.24 12.73
C ILE C 160 -0.08 17.95 12.42
N PRO C 161 -0.49 16.83 12.99
CA PRO C 161 0.20 15.56 12.76
C PRO C 161 0.01 14.89 11.41
N TYR C 162 1.03 14.19 10.92
CA TYR C 162 0.86 13.47 9.68
C TYR C 162 0.29 12.10 10.07
N VAL C 163 -0.97 11.87 9.73
CA VAL C 163 -1.67 10.60 10.01
C VAL C 163 -2.41 10.21 8.71
N SER C 164 -1.91 9.17 8.05
CA SER C 164 -2.47 8.73 6.77
C SER C 164 -2.24 7.21 6.53
N ALA C 165 -2.91 6.62 5.55
CA ALA C 165 -2.66 5.21 5.30
C ALA C 165 -1.26 5.05 4.64
N ALA C 166 -1.02 5.79 3.56
CA ALA C 166 0.28 5.71 2.88
C ALA C 166 1.36 6.53 3.59
N ASP C 167 2.62 6.23 3.29
CA ASP C 167 3.74 6.89 3.93
C ASP C 167 3.97 8.32 3.47
N TYR C 168 3.40 8.66 2.31
CA TYR C 168 3.48 10.00 1.71
C TYR C 168 2.11 10.42 1.21
N ALA C 169 1.95 11.72 1.07
CA ALA C 169 0.70 12.27 0.59
C ALA C 169 1.04 13.17 -0.58
N TYR C 170 0.12 13.37 -1.51
CA TYR C 170 0.31 14.28 -2.61
C TYR C 170 0.22 15.72 -2.13
N THR C 171 1.00 16.62 -2.72
CA THR C 171 0.91 18.03 -2.37
C THR C 171 -0.25 18.72 -3.10
N ALA C 172 -0.56 18.20 -4.28
CA ALA C 172 -1.64 18.74 -5.10
C ALA C 172 -2.95 18.05 -4.74
N SER C 173 -4.07 18.58 -5.23
CA SER C 173 -5.34 17.95 -4.96
C SER C 173 -6.07 17.77 -6.28
N ASP C 174 -7.01 16.84 -6.33
CA ASP C 174 -7.71 16.53 -7.56
C ASP C 174 -9.22 16.47 -7.39
N VAL C 175 -9.66 15.61 -6.47
CA VAL C 175 -11.06 15.38 -6.14
C VAL C 175 -10.92 14.64 -4.82
N ALA C 176 -11.97 14.60 -4.02
CA ALA C 176 -11.89 13.90 -2.73
C ALA C 176 -11.32 12.48 -2.92
N GLU C 177 -10.06 12.29 -2.52
CA GLU C 177 -9.37 11.00 -2.63
C GLU C 177 -8.48 10.80 -1.39
N THR C 178 -8.08 9.55 -1.12
CA THR C 178 -7.27 9.23 0.07
C THR C 178 -5.82 9.76 0.11
N THR C 179 -5.26 9.96 -1.08
CA THR C 179 -3.88 10.45 -1.22
C THR C 179 -3.71 11.98 -1.26
N ASN C 180 -4.80 12.73 -1.51
CA ASN C 180 -4.73 14.20 -1.58
C ASN C 180 -5.50 15.09 -0.56
N VAL C 181 -6.35 14.49 0.28
CA VAL C 181 -7.04 15.26 1.35
C VAL C 181 -6.86 14.46 2.65
N GLN C 182 -6.18 15.09 3.60
CA GLN C 182 -5.88 14.46 4.88
C GLN C 182 -6.67 15.02 6.08
N GLY C 183 -7.92 15.40 5.84
CA GLY C 183 -8.75 15.92 6.93
C GLY C 183 -8.81 17.44 7.01
N TRP C 184 -9.29 17.93 8.14
CA TRP C 184 -9.44 19.36 8.37
C TRP C 184 -8.82 19.80 9.67
N VAL C 185 -8.65 21.12 9.77
CA VAL C 185 -8.19 21.74 11.00
C VAL C 185 -9.36 22.68 11.35
N CYS C 186 -9.82 22.61 12.58
CA CYS C 186 -10.94 23.45 13.01
C CYS C 186 -10.47 24.29 14.19
N ILE C 187 -10.73 25.59 14.11
CA ILE C 187 -10.37 26.54 15.15
C ILE C 187 -11.64 27.06 15.75
N TYR C 188 -11.80 26.87 17.05
CA TYR C 188 -12.99 27.34 17.74
C TYR C 188 -12.60 28.33 18.80
N GLN C 189 -13.60 29.10 19.21
CA GLN C 189 -13.46 30.03 20.32
C GLN C 189 -14.38 29.37 21.34
N ILE C 190 -13.86 29.02 22.51
CA ILE C 190 -14.70 28.43 23.55
C ILE C 190 -15.59 29.58 24.09
N THR C 191 -14.97 30.73 24.34
CA THR C 191 -15.65 31.94 24.79
C THR C 191 -14.64 33.09 24.89
N HIS C 192 -15.13 34.28 25.22
CA HIS C 192 -14.27 35.45 25.35
C HIS C 192 -14.87 36.49 26.25
N GLY C 193 -14.06 37.46 26.67
CA GLY C 193 -14.55 38.53 27.52
C GLY C 193 -14.08 39.86 26.93
N LYS C 194 -15.00 40.67 26.44
CA LYS C 194 -14.63 41.97 25.87
C LYS C 194 -13.61 41.88 24.73
N ALA C 195 -13.78 40.90 23.83
CA ALA C 195 -12.86 40.74 22.70
C ALA C 195 -13.60 40.78 21.36
N GLU C 196 -14.62 41.65 21.26
CA GLU C 196 -15.44 41.76 20.06
C GLU C 196 -14.73 42.19 18.80
N GLN C 197 -13.77 43.08 18.95
CA GLN C 197 -13.06 43.58 17.78
C GLN C 197 -11.62 43.12 17.75
N ASP C 198 -11.28 42.20 18.65
CA ASP C 198 -9.91 41.71 18.75
C ASP C 198 -9.67 40.44 17.94
N THR C 199 -8.48 40.35 17.34
CA THR C 199 -8.18 39.23 16.45
C THR C 199 -7.11 38.22 16.83
N LEU C 200 -7.17 37.07 16.13
CA LEU C 200 -6.22 35.98 16.34
C LEU C 200 -5.53 35.79 14.99
N VAL C 201 -4.27 36.22 14.91
CA VAL C 201 -3.47 36.11 13.70
C VAL C 201 -2.91 34.69 13.57
N VAL C 202 -3.12 34.06 12.42
CA VAL C 202 -2.64 32.70 12.21
C VAL C 202 -1.61 32.58 11.11
N SER C 203 -0.53 31.87 11.39
CA SER C 203 0.53 31.65 10.40
C SER C 203 0.94 30.18 10.43
N VAL C 204 1.65 29.73 9.40
CA VAL C 204 2.07 28.34 9.32
C VAL C 204 3.54 28.20 8.91
N SER C 205 4.18 27.15 9.44
CA SER C 205 5.57 26.84 9.12
C SER C 205 5.76 25.30 9.06
N ALA C 206 6.92 24.85 8.62
CA ALA C 206 7.21 23.41 8.53
C ALA C 206 7.70 22.84 9.87
N GLY C 207 7.34 21.60 10.16
CA GLY C 207 7.73 20.94 11.40
C GLY C 207 9.11 20.31 11.31
N LYS C 208 9.59 19.76 12.41
CA LYS C 208 10.92 19.12 12.46
C LYS C 208 11.12 18.03 11.42
N ASP C 209 10.09 17.24 11.17
CA ASP C 209 10.19 16.14 10.21
C ASP C 209 9.39 16.38 8.93
N PHE C 210 9.07 17.63 8.63
CA PHE C 210 8.35 17.89 7.40
C PHE C 210 9.32 17.59 6.27
N GLU C 211 8.79 16.99 5.20
CA GLU C 211 9.62 16.62 4.05
C GLU C 211 8.89 16.70 2.71
N LEU C 212 9.56 17.23 1.68
CA LEU C 212 9.00 17.33 0.34
C LEU C 212 9.82 16.42 -0.56
N ARG C 213 9.20 15.73 -1.49
CA ARG C 213 9.85 14.57 -2.11
C ARG C 213 10.32 14.68 -3.55
N LEU C 214 9.39 14.85 -4.49
CA LEU C 214 9.75 14.74 -5.90
C LEU C 214 9.55 16.01 -6.73
N PRO C 215 10.66 16.59 -7.17
CA PRO C 215 10.71 17.82 -7.98
C PRO C 215 9.87 17.79 -9.26
N ILE C 216 9.03 18.80 -9.42
CA ILE C 216 8.18 18.91 -10.59
C ILE C 216 8.10 20.36 -11.08
N ASP C 217 7.66 20.53 -12.32
CA ASP C 217 7.53 21.84 -12.94
C ASP C 217 6.11 21.94 -13.47
N PRO C 218 5.12 22.18 -12.50
CA PRO C 218 3.76 22.06 -13.03
C PRO C 218 3.06 23.36 -13.43
N ARG C 219 3.70 24.50 -13.19
CA ARG C 219 3.06 25.78 -13.47
C ARG C 219 2.91 26.01 -14.96
N SER C 220 1.80 26.62 -15.36
CA SER C 220 1.55 26.91 -16.75
C SER C 220 2.55 27.97 -17.23
N GLN C 221 3.29 27.62 -18.26
CA GLN C 221 4.32 28.51 -18.82
C GLN C 221 4.09 28.66 -20.31
N SER D 1 19.81 -6.94 -9.69
CA SER D 1 20.84 -7.96 -9.87
C SER D 1 20.57 -8.83 -11.09
N GLY D 2 19.70 -9.81 -10.94
CA GLY D 2 19.38 -10.75 -11.99
C GLY D 2 19.18 -10.27 -13.41
N ASN D 3 19.91 -10.89 -14.33
CA ASN D 3 19.94 -10.48 -15.73
C ASN D 3 20.75 -9.22 -15.99
N THR D 4 21.96 -9.19 -15.43
CA THR D 4 22.90 -8.10 -15.65
C THR D 4 24.29 -8.66 -15.47
N GLY D 5 25.09 -8.63 -16.54
CA GLY D 5 26.38 -9.27 -16.52
C GLY D 5 27.55 -8.44 -16.99
N SER D 6 27.61 -7.19 -16.56
CA SER D 6 28.77 -6.33 -16.85
C SER D 6 29.80 -6.61 -15.76
N ILE D 7 31.06 -6.78 -16.14
CA ILE D 7 32.11 -7.04 -15.16
C ILE D 7 32.47 -5.71 -14.51
N ILE D 8 32.31 -4.62 -15.26
CA ILE D 8 32.66 -3.31 -14.77
C ILE D 8 31.53 -2.57 -14.05
N ASN D 9 31.92 -1.86 -12.98
CA ASN D 9 31.02 -1.07 -12.17
C ASN D 9 30.31 -0.03 -13.01
N ASN D 10 29.09 0.32 -12.61
CA ASN D 10 28.31 1.32 -13.33
C ASN D 10 29.02 2.68 -13.26
N TYR D 11 28.96 3.43 -14.37
CA TYR D 11 29.58 4.75 -14.49
C TYR D 11 28.89 5.77 -13.59
N TYR D 12 27.65 5.46 -13.19
CA TYR D 12 26.85 6.35 -12.34
C TYR D 12 26.71 5.78 -10.92
N MET D 13 26.52 6.67 -9.95
CA MET D 13 26.40 6.24 -8.56
C MET D 13 25.07 5.52 -8.34
N GLN D 14 25.01 4.74 -7.27
CA GLN D 14 23.79 4.01 -6.96
C GLN D 14 22.61 4.93 -6.62
N GLN D 15 22.89 6.08 -6.01
CA GLN D 15 21.84 7.06 -5.64
C GLN D 15 21.08 7.53 -6.88
N TYR D 16 21.73 7.43 -8.05
CA TYR D 16 21.11 7.82 -9.32
C TYR D 16 20.54 6.64 -10.12
N GLN D 17 21.30 5.54 -10.19
CA GLN D 17 20.84 4.39 -10.96
C GLN D 17 19.55 3.77 -10.38
N ASN D 18 19.42 3.71 -9.06
CA ASN D 18 18.21 3.14 -8.46
C ASN D 18 17.61 3.95 -7.32
N SER D 19 16.42 3.54 -6.89
CA SER D 19 15.79 4.19 -5.75
C SER D 19 16.56 3.59 -4.56
N MET D 20 16.51 4.25 -3.41
CA MET D 20 17.22 3.77 -2.23
C MET D 20 16.25 3.26 -1.19
N ASP D 21 16.40 1.99 -0.81
CA ASP D 21 15.57 1.38 0.20
C ASP D 21 15.88 1.92 1.59
N THR D 22 14.86 2.11 2.40
CA THR D 22 15.08 2.57 3.77
C THR D 22 14.48 1.50 4.66
N GLN D 23 14.85 1.48 5.94
CA GLN D 23 14.34 0.50 6.89
C GLN D 23 13.85 1.18 8.15
N LEU D 24 12.97 0.51 8.89
CA LEU D 24 12.50 1.02 10.17
C LEU D 24 12.59 -0.04 11.26
N ASN D 25 13.97 -13.57 5.27
CA ASN D 25 12.60 -13.10 5.09
C ASN D 25 11.92 -13.70 3.83
N ASP D 26 12.44 -14.82 3.34
CA ASP D 26 11.87 -15.49 2.17
C ASP D 26 10.88 -16.53 2.72
N TRP D 27 9.63 -16.14 2.88
CA TRP D 27 8.63 -17.04 3.43
C TRP D 27 8.51 -18.35 2.68
N PHE D 28 8.42 -18.28 1.37
CA PHE D 28 8.26 -19.50 0.58
C PHE D 28 9.48 -20.39 0.52
N SER D 29 10.65 -19.81 0.72
CA SER D 29 11.86 -20.62 0.74
C SER D 29 11.77 -21.46 2.00
N LYS D 30 11.42 -20.82 3.11
CA LYS D 30 11.29 -21.52 4.39
C LYS D 30 10.18 -22.57 4.30
N LEU D 31 9.02 -22.15 3.81
CA LEU D 31 7.90 -23.05 3.69
C LEU D 31 8.24 -24.31 2.89
N ALA D 32 8.98 -24.14 1.79
CA ALA D 32 9.34 -25.29 0.96
C ALA D 32 10.39 -26.20 1.61
N SER D 33 11.33 -25.60 2.35
CA SER D 33 12.40 -26.33 3.03
C SER D 33 11.90 -27.12 4.23
N SER D 34 10.76 -26.72 4.76
CA SER D 34 10.16 -27.37 5.92
C SER D 34 9.31 -28.59 5.55
N ALA D 35 9.21 -28.89 4.26
CA ALA D 35 8.39 -30.01 3.82
C ALA D 35 8.88 -31.37 4.30
N PHE D 36 7.94 -32.17 4.81
CA PHE D 36 8.21 -33.52 5.30
C PHE D 36 8.56 -34.37 4.07
N SER D 37 9.40 -35.37 4.32
CA SER D 37 10.00 -36.20 3.28
C SER D 37 10.15 -37.63 3.77
N GLY D 38 10.48 -38.54 2.85
CA GLY D 38 10.64 -39.94 3.20
C GLY D 38 9.42 -40.69 3.71
N LEU D 39 9.56 -41.33 4.86
CA LEU D 39 8.61 -42.34 5.32
C LEU D 39 8.01 -42.09 6.70
N PHE D 40 6.85 -42.69 6.93
CA PHE D 40 6.11 -42.56 8.18
C PHE D 40 5.73 -44.02 8.49
N GLY D 41 5.73 -44.37 9.78
CA GLY D 41 5.40 -45.74 10.19
C GLY D 41 6.63 -46.64 10.25
N ALA D 42 6.50 -47.88 9.79
CA ALA D 42 7.62 -48.82 9.79
C ALA D 42 7.98 -49.25 8.36
N LEU D 43 9.25 -49.60 8.15
CA LEU D 43 9.73 -50.02 6.84
C LEU D 43 10.38 -51.41 6.79
N LEU D 44 9.87 -52.26 5.91
CA LEU D 44 10.41 -53.59 5.72
C LEU D 44 11.04 -53.57 4.28
N ALA D 45 12.24 -52.99 4.16
CA ALA D 45 12.91 -52.89 2.86
C ALA D 45 13.70 -54.16 2.49
#